data_4MT1
#
_entry.id   4MT1
#
_cell.length_a   152.995
_cell.length_b   152.995
_cell.length_c   360.746
_cell.angle_alpha   90.000
_cell.angle_beta   90.000
_cell.angle_gamma   120.000
#
_symmetry.space_group_name_H-M   'H 3 2'
#
_entity_poly.entity_id   1
_entity_poly.type   'polypeptide(L)'
_entity_poly.pdbx_seq_one_letter_code
;MAKFFIDRPIFAWVISIFIIAAGIFGIKSLPVSQYPSVAAPTITLHAIYPGASAQVMEGSVLSVIERNMNGVEGLDYMST
SADSSGSGSVSLTFTPDTDENLAQVEVQNKLSEVLSTLPATVQQYGVTVSKARSNFLMIVMLSSDVQSTEEMNDYAQRNV
VPELQRIEGVGQVRLFGAQRAMRIWVDPKKLQNYNLSFADVGSALSAQNIQISAGSIGSLPAVRGQTVTATVTAQGQLGT
AEEFGNVILRANTDGSNIYLKDVAKVGLGMEDYSSSTRLNGVNTTGMAVMLSNSGNAMATAKAVKERLAVLEKYFPQGMS
WKTPYDTSKFVEISIEKVIHTLIEAMVLVFVVMYLFLQNIRYTLIPTIVVPISLLGGFAFISYMGMSINVLTMFAMILVI
GIVVDDAIVVVENVERIMAGEGLPPKEATKKAMGQISGAVIGITAVLISVFVPLAMFSGAAGNIYKQFALTMASSIAFSA
FLALTLTPALCATMLKTIPKGHHEEKKGFFGWFNKKFDSWTHGYEGRVAKVLRKTFRMMVVYIGLAVVGVFLFMRLPTSF
LPTEDQGFVMVSVQLPAGATKERTDATLAQVTQLAKSIPEIENIITVSGFSFSGSGQNMAMGFAIFKDWNERTASGSDAV
AVAGKLTGMMMGTLKDGFGIAVVPPPILELGNGSGLSINLQDRNNTGHTALLAKRNELIQKMRASGLFDPSTVRAGGLED
SPQLKIDINRAAAAAQGISFADIRTALASALSSSYVSDFPNQGRLQRVMVQADEDARMQPADILNLTVPNKSGVAVPLST
IATVSWENGTEQSVRFNGYPSMKLSASPATGVSTGQAMEAVQKMVDELGGGYSFEWGGQSSEEAKGGSQTLILYGLAVAA
VFLVLAALYESWSIPLAVILVIPLGLIGAAAGVTGRNLFEGLLGSVPSFANDIYFQVGFVTVMGLSAKNAILIIEFAKDL
QAQGKSAVEAALEAARLRFRPIIMTSFAFILGVVPLYIAAGASSASQRAIGTTVFWGMLVGTLLSVFLVPLFYVVVRKFF
KETAHEHEMAVRHASK
;
_entity_poly.pdbx_strand_id   A
#
# COMPACT_ATOMS: atom_id res chain seq x y z
N ALA A 2 -4.13 -20.09 -40.72
CA ALA A 2 -4.45 -20.03 -42.14
C ALA A 2 -5.43 -21.13 -42.52
N LYS A 3 -5.70 -21.25 -43.82
CA LYS A 3 -6.59 -22.28 -44.34
C LYS A 3 -6.09 -23.68 -43.98
N PHE A 4 -4.77 -23.83 -43.90
CA PHE A 4 -4.18 -25.12 -43.53
C PHE A 4 -4.48 -25.45 -42.07
N PHE A 5 -4.69 -24.43 -41.25
CA PHE A 5 -5.10 -24.63 -39.86
C PHE A 5 -6.58 -25.03 -39.77
N ILE A 6 -7.35 -24.65 -40.78
CA ILE A 6 -8.75 -25.04 -40.85
C ILE A 6 -8.87 -26.54 -41.15
N ASP A 7 -8.11 -27.00 -42.14
CA ASP A 7 -8.22 -28.36 -42.63
C ASP A 7 -7.74 -29.39 -41.61
N ARG A 8 -6.73 -29.03 -40.83
CA ARG A 8 -6.24 -29.90 -39.76
C ARG A 8 -6.43 -29.28 -38.37
N PRO A 9 -7.58 -29.56 -37.75
CA PRO A 9 -7.96 -28.97 -36.46
C PRO A 9 -7.05 -29.46 -35.35
N ILE A 10 -6.56 -30.69 -35.51
CA ILE A 10 -5.77 -31.37 -34.50
C ILE A 10 -4.38 -30.79 -34.21
N PHE A 11 -3.73 -30.21 -35.21
CA PHE A 11 -2.46 -29.53 -34.98
C PHE A 11 -2.73 -28.27 -34.16
N ALA A 12 -3.82 -27.60 -34.48
CA ALA A 12 -4.25 -26.43 -33.72
C ALA A 12 -4.63 -26.84 -32.30
N TRP A 13 -5.21 -28.03 -32.18
CA TRP A 13 -5.56 -28.57 -30.87
C TRP A 13 -4.32 -28.82 -30.02
N VAL A 14 -3.23 -29.23 -30.67
CA VAL A 14 -1.97 -29.50 -29.97
C VAL A 14 -1.32 -28.20 -29.51
N ILE A 15 -1.26 -27.22 -30.40
CA ILE A 15 -0.75 -25.90 -30.04
C ILE A 15 -1.58 -25.28 -28.92
N SER A 16 -2.90 -25.45 -29.02
CA SER A 16 -3.81 -24.94 -28.00
C SER A 16 -3.55 -25.61 -26.66
N ILE A 17 -3.67 -26.94 -26.62
CA ILE A 17 -3.44 -27.71 -25.40
C ILE A 17 -2.11 -27.35 -24.73
N PHE A 18 -1.07 -27.20 -25.53
CA PHE A 18 0.22 -26.73 -25.04
C PHE A 18 0.08 -25.39 -24.32
N ILE A 19 -0.71 -24.50 -24.91
CA ILE A 19 -0.91 -23.16 -24.36
C ILE A 19 -1.75 -23.14 -23.08
N ILE A 20 -2.86 -23.88 -23.08
CA ILE A 20 -3.71 -23.91 -21.89
C ILE A 20 -3.03 -24.66 -20.74
N ALA A 21 -2.12 -25.58 -21.08
CA ALA A 21 -1.39 -26.31 -20.06
C ALA A 21 -0.33 -25.41 -19.43
N ALA A 22 0.33 -24.61 -20.27
CA ALA A 22 1.33 -23.67 -19.81
C ALA A 22 0.69 -22.57 -18.96
N GLY A 23 -0.57 -22.27 -19.25
CA GLY A 23 -1.32 -21.27 -18.52
C GLY A 23 -1.74 -21.76 -17.15
N ILE A 24 -2.28 -22.98 -17.10
CA ILE A 24 -2.70 -23.59 -15.84
C ILE A 24 -1.51 -23.76 -14.90
N PHE A 25 -0.38 -24.21 -15.46
CA PHE A 25 0.85 -24.32 -14.70
C PHE A 25 1.29 -22.95 -14.20
N GLY A 26 1.03 -21.93 -15.02
CA GLY A 26 1.32 -20.56 -14.64
C GLY A 26 0.51 -20.15 -13.43
N ILE A 27 -0.80 -20.42 -13.50
CA ILE A 27 -1.72 -20.16 -12.40
C ILE A 27 -1.23 -20.82 -11.11
N LYS A 28 -0.71 -22.04 -11.25
CA LYS A 28 -0.26 -22.83 -10.10
C LYS A 28 0.96 -22.21 -9.43
N SER A 29 1.83 -21.58 -10.23
CA SER A 29 3.12 -21.10 -9.73
C SER A 29 3.13 -19.63 -9.33
N LEU A 30 2.27 -18.82 -9.93
CA LEU A 30 2.25 -17.38 -9.69
C LEU A 30 1.86 -17.02 -8.26
N PRO A 31 2.46 -15.95 -7.71
CA PRO A 31 2.05 -15.41 -6.41
C PRO A 31 0.58 -15.05 -6.41
N VAL A 32 -0.10 -15.25 -5.28
CA VAL A 32 -1.56 -15.17 -5.23
C VAL A 32 -2.11 -13.74 -5.21
N SER A 33 -1.66 -12.94 -4.27
CA SER A 33 -2.24 -11.63 -4.01
C SER A 33 -2.07 -10.62 -5.15
N GLN A 34 -2.77 -9.49 -5.03
CA GLN A 34 -2.73 -8.44 -6.05
C GLN A 34 -1.60 -7.44 -5.80
N TYR A 35 -1.50 -6.94 -4.57
CA TYR A 35 -0.51 -5.95 -4.19
C TYR A 35 0.92 -6.41 -4.46
N PRO A 36 1.59 -5.80 -5.45
CA PRO A 36 3.00 -6.08 -5.71
C PRO A 36 3.86 -5.08 -4.97
N SER A 37 5.12 -4.96 -5.36
CA SER A 37 6.01 -3.94 -4.80
C SER A 37 5.75 -2.61 -5.50
N VAL A 38 4.61 -2.00 -5.20
CA VAL A 38 4.21 -0.74 -5.82
C VAL A 38 5.13 0.40 -5.41
N ALA A 39 5.41 0.49 -4.12
CA ALA A 39 6.24 1.56 -3.59
C ALA A 39 7.73 1.31 -3.79
N ALA A 40 8.51 2.38 -3.75
CA ALA A 40 9.96 2.29 -3.88
C ALA A 40 10.55 1.66 -2.62
N PRO A 41 11.70 0.99 -2.75
CA PRO A 41 12.37 0.39 -1.58
C PRO A 41 12.85 1.44 -0.60
N THR A 42 12.58 1.23 0.68
CA THR A 42 12.97 2.16 1.73
C THR A 42 13.59 1.43 2.91
N ILE A 43 14.67 1.99 3.45
CA ILE A 43 15.43 1.33 4.50
C ILE A 43 15.68 2.24 5.70
N THR A 44 15.14 1.84 6.85
CA THR A 44 15.29 2.62 8.08
C THR A 44 16.27 1.93 9.03
N LEU A 45 16.74 2.68 10.02
CA LEU A 45 17.66 2.16 11.02
C LEU A 45 17.48 2.88 12.35
N HIS A 46 17.26 2.11 13.42
CA HIS A 46 16.87 2.68 14.71
C HIS A 46 17.82 2.32 15.86
N ALA A 47 17.89 3.20 16.85
CA ALA A 47 18.71 2.97 18.04
C ALA A 47 17.93 3.37 19.30
N ILE A 48 18.44 2.94 20.46
CA ILE A 48 17.78 3.25 21.73
C ILE A 48 18.73 3.88 22.75
N TYR A 49 18.39 5.09 23.19
CA TYR A 49 19.15 5.81 24.20
C TYR A 49 18.16 6.21 25.30
N PRO A 50 17.96 5.31 26.29
CA PRO A 50 16.91 5.33 27.31
C PRO A 50 16.66 6.70 27.94
N GLY A 51 17.72 7.46 28.21
CA GLY A 51 17.58 8.74 28.89
C GLY A 51 17.55 9.94 27.98
N ALA A 52 18.00 9.74 26.74
CA ALA A 52 18.13 10.85 25.79
C ALA A 52 16.80 11.51 25.45
N SER A 53 16.72 12.80 25.71
CA SER A 53 15.60 13.60 25.23
C SER A 53 15.75 13.79 23.73
N ALA A 54 14.80 14.47 23.11
CA ALA A 54 14.77 14.64 21.66
C ALA A 54 16.08 15.18 21.08
N GLN A 55 16.64 16.21 21.70
CA GLN A 55 17.85 16.84 21.19
C GLN A 55 19.11 16.00 21.42
N VAL A 56 19.22 15.41 22.60
CA VAL A 56 20.36 14.57 22.93
C VAL A 56 20.37 13.32 22.04
N MET A 57 19.18 12.74 21.85
CA MET A 57 19.02 11.58 20.98
C MET A 57 19.40 11.90 19.55
N GLU A 58 18.89 13.02 19.04
CA GLU A 58 19.16 13.45 17.67
C GLU A 58 20.63 13.73 17.44
N GLY A 59 21.26 14.42 18.39
CA GLY A 59 22.63 14.88 18.22
C GLY A 59 23.72 13.87 18.53
N SER A 60 23.57 13.14 19.64
CA SER A 60 24.62 12.23 20.08
C SER A 60 24.60 10.89 19.35
N VAL A 61 23.44 10.53 18.78
CA VAL A 61 23.31 9.24 18.12
C VAL A 61 22.87 9.35 16.65
N LEU A 62 21.68 9.88 16.43
CA LEU A 62 21.07 9.90 15.10
C LEU A 62 21.83 10.73 14.07
N SER A 63 22.34 11.88 14.48
CA SER A 63 23.04 12.77 13.55
C SER A 63 24.41 12.22 13.17
N VAL A 64 24.93 11.29 13.96
CA VAL A 64 26.23 10.70 13.69
C VAL A 64 26.14 9.70 12.52
N ILE A 65 25.03 8.98 12.45
CA ILE A 65 24.81 8.02 11.38
C ILE A 65 24.55 8.72 10.06
N GLU A 66 23.60 9.66 10.09
CA GLU A 66 23.16 10.41 8.92
C GLU A 66 24.29 11.03 8.11
N ARG A 67 25.33 11.50 8.79
CA ARG A 67 26.47 12.14 8.12
C ARG A 67 27.26 11.15 7.27
N ASN A 68 26.96 9.86 7.42
CA ASN A 68 27.65 8.82 6.68
C ASN A 68 26.70 8.04 5.78
N MET A 69 25.47 8.51 5.66
CA MET A 69 24.41 7.73 5.02
C MET A 69 24.00 8.14 3.60
N ASN A 70 24.64 9.17 3.05
CA ASN A 70 24.40 9.51 1.65
C ASN A 70 25.60 9.24 0.76
N GLY A 71 26.47 8.36 1.22
CA GLY A 71 27.50 7.77 0.38
C GLY A 71 26.95 6.45 -0.10
N VAL A 72 25.77 6.11 0.38
CA VAL A 72 25.05 4.91 -0.01
C VAL A 72 24.52 5.07 -1.44
N GLU A 73 24.56 3.99 -2.21
CA GLU A 73 24.17 4.04 -3.61
C GLU A 73 22.67 4.21 -3.81
N GLY A 74 22.30 5.10 -4.73
CA GLY A 74 20.89 5.31 -5.07
C GLY A 74 20.08 5.94 -3.97
N LEU A 75 20.72 6.80 -3.17
CA LEU A 75 20.04 7.46 -2.05
C LEU A 75 19.19 8.62 -2.56
N ASP A 76 17.88 8.39 -2.62
CA ASP A 76 16.93 9.39 -3.11
C ASP A 76 16.80 10.55 -2.12
N TYR A 77 16.39 10.22 -0.89
CA TYR A 77 16.31 11.19 0.19
C TYR A 77 16.37 10.51 1.56
N MET A 78 16.65 11.29 2.59
CA MET A 78 16.77 10.75 3.95
C MET A 78 16.14 11.66 5.00
N SER A 79 15.52 11.04 6.00
CA SER A 79 14.92 11.79 7.11
C SER A 79 15.34 11.19 8.46
N THR A 80 15.10 11.94 9.53
CA THR A 80 15.44 11.50 10.88
C THR A 80 14.31 11.81 11.87
N SER A 81 14.00 10.84 12.72
CA SER A 81 12.96 11.01 13.73
C SER A 81 13.47 10.66 15.12
N ALA A 82 13.75 11.68 15.92
CA ALA A 82 14.24 11.50 17.28
C ALA A 82 13.20 11.97 18.29
N ASP A 83 12.71 11.04 19.11
CA ASP A 83 11.68 11.38 20.10
C ASP A 83 12.12 11.17 21.55
N SER A 84 11.23 11.54 22.48
CA SER A 84 11.55 11.56 23.90
C SER A 84 11.32 10.21 24.57
N SER A 85 11.02 9.18 23.77
CA SER A 85 10.79 7.84 24.31
C SER A 85 12.10 7.07 24.43
N GLY A 86 13.21 7.74 24.16
CA GLY A 86 14.52 7.11 24.20
C GLY A 86 14.76 6.28 22.96
N SER A 87 14.01 6.59 21.91
CA SER A 87 14.14 5.89 20.64
C SER A 87 14.44 6.88 19.52
N GLY A 88 15.24 6.44 18.55
CA GLY A 88 15.63 7.30 17.44
C GLY A 88 15.64 6.53 16.13
N SER A 89 15.27 7.21 15.04
CA SER A 89 15.19 6.59 13.74
C SER A 89 15.70 7.49 12.61
N VAL A 90 16.29 6.87 11.60
CA VAL A 90 16.71 7.59 10.40
C VAL A 90 16.38 6.78 9.15
N SER A 91 15.49 7.31 8.32
CA SER A 91 15.00 6.60 7.15
C SER A 91 15.74 6.98 5.87
N LEU A 92 16.13 5.97 5.10
CA LEU A 92 16.80 6.19 3.83
C LEU A 92 15.98 5.58 2.70
N THR A 93 15.15 6.39 2.05
CA THR A 93 14.34 5.90 0.93
C THR A 93 15.14 5.98 -0.36
N PHE A 94 15.15 4.90 -1.13
CA PHE A 94 15.95 4.82 -2.33
C PHE A 94 15.16 5.03 -3.61
N THR A 95 15.90 5.28 -4.70
CA THR A 95 15.32 5.46 -6.02
C THR A 95 14.54 4.21 -6.44
N PRO A 96 13.43 4.40 -7.18
CA PRO A 96 12.43 3.37 -7.52
C PRO A 96 12.98 2.00 -7.90
N ASP A 97 14.06 1.95 -8.68
CA ASP A 97 14.62 0.66 -9.09
C ASP A 97 15.04 -0.17 -7.88
N THR A 98 14.23 -1.20 -7.58
CA THR A 98 14.35 -1.96 -6.35
C THR A 98 15.55 -2.91 -6.30
N ASP A 99 16.44 -2.64 -5.34
CA ASP A 99 17.55 -3.53 -5.03
C ASP A 99 17.89 -3.37 -3.55
N GLU A 100 17.01 -3.89 -2.71
CA GLU A 100 17.15 -3.74 -1.26
C GLU A 100 18.36 -4.50 -0.74
N ASN A 101 18.81 -5.49 -1.51
CA ASN A 101 19.94 -6.32 -1.11
C ASN A 101 21.26 -5.55 -1.07
N LEU A 102 21.48 -4.69 -2.07
CA LEU A 102 22.72 -3.93 -2.14
C LEU A 102 22.68 -2.70 -1.23
N ALA A 103 21.47 -2.21 -0.97
CA ALA A 103 21.30 -0.96 -0.25
C ALA A 103 21.29 -1.16 1.26
N GLN A 104 20.58 -2.21 1.72
CA GLN A 104 20.48 -2.50 3.15
C GLN A 104 21.84 -2.75 3.77
N VAL A 105 22.74 -3.31 2.98
CA VAL A 105 24.03 -3.73 3.48
C VAL A 105 25.11 -2.65 3.28
N GLU A 106 24.83 -1.70 2.40
CA GLU A 106 25.69 -0.52 2.29
C GLU A 106 25.33 0.43 3.42
N VAL A 107 24.10 0.31 3.89
CA VAL A 107 23.66 1.03 5.09
C VAL A 107 24.37 0.46 6.31
N GLN A 108 24.38 -0.88 6.40
CA GLN A 108 25.07 -1.57 7.48
C GLN A 108 26.58 -1.32 7.40
N ASN A 109 27.07 -1.11 6.18
CA ASN A 109 28.46 -0.76 5.97
C ASN A 109 28.85 0.51 6.71
N LYS A 110 28.07 1.56 6.47
CA LYS A 110 28.34 2.85 7.08
C LYS A 110 28.10 2.83 8.58
N LEU A 111 27.12 2.04 9.00
CA LEU A 111 26.78 1.93 10.42
C LEU A 111 27.81 1.10 11.18
N SER A 112 28.42 0.14 10.50
CA SER A 112 29.51 -0.64 11.09
C SER A 112 30.72 0.26 11.29
N GLU A 113 30.84 1.27 10.43
CA GLU A 113 31.92 2.25 10.54
C GLU A 113 31.61 3.29 11.60
N VAL A 114 30.36 3.30 12.06
CA VAL A 114 29.88 4.36 12.94
C VAL A 114 29.74 3.93 14.41
N LEU A 115 29.31 2.69 14.63
CA LEU A 115 28.94 2.19 15.96
C LEU A 115 29.86 2.56 17.13
N SER A 116 31.14 2.80 16.85
CA SER A 116 32.11 3.07 17.90
C SER A 116 31.93 4.46 18.54
N THR A 117 31.71 5.46 17.70
CA THR A 117 31.56 6.83 18.19
C THR A 117 30.23 7.06 18.90
N LEU A 118 29.30 6.13 18.69
CA LEU A 118 28.00 6.19 19.34
C LEU A 118 28.14 5.94 20.85
N PRO A 119 27.29 6.59 21.65
CA PRO A 119 27.29 6.47 23.12
C PRO A 119 27.37 5.02 23.60
N ALA A 120 28.08 4.81 24.70
CA ALA A 120 28.32 3.46 25.24
C ALA A 120 27.03 2.73 25.55
N THR A 121 26.01 3.47 25.98
CA THR A 121 24.70 2.87 26.26
C THR A 121 24.03 2.39 24.98
N VAL A 122 24.12 3.19 23.93
CA VAL A 122 23.53 2.84 22.64
C VAL A 122 24.28 1.67 22.00
N GLN A 123 25.60 1.71 22.05
CA GLN A 123 26.42 0.66 21.47
C GLN A 123 26.21 -0.68 22.18
N GLN A 124 25.98 -0.62 23.48
CA GLN A 124 25.64 -1.81 24.25
C GLN A 124 24.26 -2.32 23.88
N TYR A 125 23.34 -1.38 23.62
CA TYR A 125 22.01 -1.72 23.16
C TYR A 125 22.05 -2.32 21.77
N GLY A 126 22.69 -1.61 20.84
CA GLY A 126 22.80 -2.07 19.47
C GLY A 126 21.84 -1.33 18.55
N VAL A 127 22.37 -0.81 17.45
CA VAL A 127 21.54 -0.11 16.47
C VAL A 127 21.23 -1.02 15.28
N THR A 128 19.95 -1.18 14.97
CA THR A 128 19.51 -2.13 13.97
C THR A 128 19.23 -1.50 12.60
N VAL A 129 19.50 -2.25 11.54
CA VAL A 129 19.20 -1.83 10.18
C VAL A 129 18.17 -2.77 9.57
N SER A 130 17.14 -2.20 8.95
CA SER A 130 16.06 -3.02 8.38
C SER A 130 15.46 -2.41 7.12
N LYS A 131 15.32 -3.24 6.09
CA LYS A 131 14.59 -2.87 4.88
C LYS A 131 13.10 -3.11 5.13
N ALA A 132 12.42 -2.11 5.69
CA ALA A 132 11.09 -2.31 6.22
C ALA A 132 9.97 -1.56 5.51
N ARG A 133 9.02 -2.31 4.95
CA ARG A 133 7.74 -1.74 4.56
C ARG A 133 6.95 -1.49 5.83
N SER A 134 6.55 -0.24 6.05
CA SER A 134 5.92 0.15 7.31
C SER A 134 4.48 -0.34 7.45
N ASN A 135 3.97 -0.98 6.41
CA ASN A 135 2.59 -1.46 6.41
C ASN A 135 2.41 -2.75 7.20
N PHE A 136 1.29 -2.86 7.91
CA PHE A 136 0.97 -4.04 8.70
C PHE A 136 0.16 -5.05 7.87
N LEU A 137 0.72 -6.23 7.66
CA LEU A 137 0.00 -7.32 7.01
C LEU A 137 -1.14 -7.79 7.90
N MET A 138 -0.77 -8.29 9.08
CA MET A 138 -1.76 -8.83 10.02
C MET A 138 -1.21 -8.88 11.44
N ILE A 139 -2.13 -8.88 12.40
CA ILE A 139 -1.76 -8.98 13.80
C ILE A 139 -2.20 -10.33 14.34
N VAL A 140 -1.42 -10.89 15.26
CA VAL A 140 -1.78 -12.17 15.86
C VAL A 140 -2.01 -12.00 17.36
N MET A 141 -3.26 -11.80 17.74
CA MET A 141 -3.60 -11.54 19.13
C MET A 141 -3.54 -12.79 20.00
N LEU A 142 -2.62 -12.79 20.96
CA LEU A 142 -2.46 -13.89 21.89
C LEU A 142 -3.20 -13.58 23.19
N SER A 143 -4.26 -14.34 23.46
CA SER A 143 -5.05 -14.12 24.66
C SER A 143 -5.06 -15.36 25.56
N SER A 144 -4.83 -15.14 26.85
CA SER A 144 -4.75 -16.24 27.80
C SER A 144 -5.36 -15.87 29.16
N ASP A 145 -5.73 -16.89 29.93
CA ASP A 145 -6.31 -16.68 31.25
C ASP A 145 -5.31 -16.93 32.37
N VAL A 146 -4.63 -18.07 32.31
CA VAL A 146 -3.62 -18.42 33.31
C VAL A 146 -2.42 -17.48 33.19
N GLN A 147 -2.06 -17.15 31.96
CA GLN A 147 -0.91 -16.30 31.69
C GLN A 147 -1.27 -14.83 31.85
N SER A 148 -0.24 -13.99 31.98
CA SER A 148 -0.42 -12.54 32.00
C SER A 148 0.29 -11.93 30.80
N THR A 149 0.13 -10.61 30.62
CA THR A 149 0.73 -9.92 29.47
C THR A 149 2.25 -10.06 29.48
N GLU A 150 2.86 -9.91 30.66
CA GLU A 150 4.31 -10.09 30.80
C GLU A 150 4.74 -11.50 30.46
N GLU A 151 3.96 -12.48 30.92
CA GLU A 151 4.30 -13.88 30.77
C GLU A 151 4.15 -14.33 29.30
N MET A 152 3.10 -13.85 28.64
CA MET A 152 2.88 -14.17 27.24
C MET A 152 3.96 -13.57 26.36
N ASN A 153 4.39 -12.36 26.71
CA ASN A 153 5.47 -11.69 25.98
C ASN A 153 6.81 -12.44 26.05
N ASP A 154 6.94 -13.33 27.02
CA ASP A 154 8.16 -14.12 27.16
C ASP A 154 8.10 -15.35 26.25
N TYR A 155 6.92 -15.94 26.12
CA TYR A 155 6.75 -17.07 25.23
C TYR A 155 6.46 -16.62 23.80
N ALA A 156 5.96 -15.39 23.66
CA ALA A 156 5.79 -14.79 22.35
C ALA A 156 7.15 -14.74 21.68
N GLN A 157 8.17 -14.34 22.44
CA GLN A 157 9.54 -14.30 21.95
C GLN A 157 10.12 -15.70 21.76
N ARG A 158 9.32 -16.71 22.05
CA ARG A 158 9.76 -18.09 21.93
C ARG A 158 9.19 -18.75 20.67
N ASN A 159 8.09 -18.21 20.16
CA ASN A 159 7.51 -18.71 18.92
C ASN A 159 7.62 -17.74 17.76
N VAL A 160 8.10 -16.53 18.04
CA VAL A 160 8.13 -15.49 17.01
C VAL A 160 9.44 -15.37 16.23
N VAL A 161 10.58 -15.47 16.93
CA VAL A 161 11.87 -15.41 16.25
C VAL A 161 12.27 -16.72 15.57
N PRO A 162 12.15 -17.87 16.28
CA PRO A 162 12.54 -19.09 15.57
C PRO A 162 11.59 -19.43 14.42
N GLU A 163 10.33 -19.03 14.52
CA GLU A 163 9.31 -19.52 13.59
C GLU A 163 8.69 -18.46 12.69
N LEU A 164 8.32 -17.31 13.27
CA LEU A 164 7.60 -16.29 12.51
C LEU A 164 8.50 -15.32 11.74
N GLN A 165 9.81 -15.50 11.86
CA GLN A 165 10.76 -14.70 11.10
C GLN A 165 11.39 -15.55 10.00
N ARG A 166 11.29 -16.86 10.17
CA ARG A 166 11.80 -17.82 9.20
C ARG A 166 10.91 -17.87 7.96
N ILE A 167 9.61 -17.71 8.18
CA ILE A 167 8.60 -17.78 7.13
C ILE A 167 8.92 -16.87 5.95
N GLU A 168 8.72 -17.38 4.74
CA GLU A 168 8.97 -16.62 3.52
C GLU A 168 8.00 -15.45 3.40
N GLY A 169 8.50 -14.33 2.88
CA GLY A 169 7.68 -13.15 2.70
C GLY A 169 7.89 -12.12 3.79
N VAL A 170 7.69 -12.53 5.04
CA VAL A 170 7.86 -11.64 6.18
C VAL A 170 9.32 -11.27 6.39
N GLY A 171 9.59 -9.96 6.45
CA GLY A 171 10.94 -9.47 6.66
C GLY A 171 11.09 -8.77 7.99
N GLN A 172 10.00 -8.71 8.75
CA GLN A 172 10.00 -8.11 10.08
C GLN A 172 8.76 -8.47 10.87
N VAL A 173 8.95 -8.84 12.13
CA VAL A 173 7.82 -9.03 13.04
C VAL A 173 8.00 -8.16 14.28
N ARG A 174 7.05 -7.26 14.50
CA ARG A 174 7.09 -6.35 15.63
C ARG A 174 6.20 -6.85 16.77
N LEU A 175 6.82 -7.17 17.90
CA LEU A 175 6.07 -7.59 19.07
C LEU A 175 5.63 -6.38 19.89
N PHE A 176 4.36 -6.36 20.27
CA PHE A 176 3.82 -5.25 21.04
C PHE A 176 4.05 -5.45 22.52
N GLY A 177 5.12 -4.83 23.02
CA GLY A 177 5.56 -5.00 24.39
C GLY A 177 7.04 -5.26 24.42
N ALA A 178 7.49 -6.06 25.39
CA ALA A 178 8.91 -6.38 25.51
C ALA A 178 9.11 -7.69 26.25
N GLN A 179 10.14 -8.43 25.85
CA GLN A 179 10.51 -9.65 26.57
C GLN A 179 10.94 -9.27 27.98
N ARG A 180 10.81 -10.22 28.91
CA ARG A 180 10.99 -9.90 30.32
C ARG A 180 12.46 -9.86 30.76
N ALA A 181 12.74 -8.96 31.69
CA ALA A 181 14.10 -8.75 32.18
C ALA A 181 14.13 -8.81 33.71
N MET A 182 15.33 -8.88 34.28
CA MET A 182 15.48 -8.83 35.73
C MET A 182 15.48 -7.39 36.19
N ARG A 183 14.30 -6.87 36.50
CA ARG A 183 14.17 -5.48 36.92
C ARG A 183 14.51 -5.29 38.40
N ILE A 184 15.42 -4.37 38.66
CA ILE A 184 15.84 -4.04 40.02
C ILE A 184 15.47 -2.61 40.36
N TRP A 185 14.57 -2.45 41.33
CA TRP A 185 14.04 -1.14 41.68
C TRP A 185 14.61 -0.63 43.01
N VAL A 186 15.74 0.06 42.94
CA VAL A 186 16.39 0.60 44.11
C VAL A 186 15.62 1.79 44.68
N ASP A 187 15.76 2.01 45.98
CA ASP A 187 15.18 3.17 46.63
C ASP A 187 16.31 4.11 47.05
N PRO A 188 16.35 5.31 46.45
CA PRO A 188 17.44 6.28 46.64
C PRO A 188 17.60 6.74 48.09
N LYS A 189 16.53 6.62 48.88
CA LYS A 189 16.59 7.03 50.28
C LYS A 189 17.34 6.01 51.12
N LYS A 190 17.13 4.73 50.81
CA LYS A 190 17.88 3.67 51.45
C LYS A 190 19.32 3.66 50.93
N LEU A 191 19.53 4.33 49.80
CA LEU A 191 20.87 4.48 49.25
C LEU A 191 21.69 5.50 50.04
N GLN A 192 21.07 6.63 50.37
CA GLN A 192 21.75 7.67 51.12
C GLN A 192 21.84 7.29 52.60
N ASN A 193 21.05 6.30 52.99
CA ASN A 193 21.06 5.80 54.36
C ASN A 193 22.36 5.06 54.69
N TYR A 194 22.78 4.19 53.78
CA TYR A 194 23.97 3.38 53.97
C TYR A 194 25.19 4.03 53.31
N ASN A 195 25.06 5.31 52.95
CA ASN A 195 26.08 6.01 52.18
C ASN A 195 26.41 5.25 50.88
N LEU A 196 25.36 4.84 50.18
CA LEU A 196 25.52 4.11 48.92
C LEU A 196 25.04 4.94 47.75
N SER A 197 25.05 4.35 46.56
CA SER A 197 24.63 5.04 45.35
C SER A 197 24.32 4.06 44.23
N PHE A 198 23.89 4.58 43.09
CA PHE A 198 23.56 3.76 41.94
C PHE A 198 24.80 3.10 41.34
N ALA A 199 25.94 3.76 41.52
CA ALA A 199 27.21 3.23 41.03
C ALA A 199 27.60 1.98 41.80
N ASP A 200 27.23 1.92 43.07
CA ASP A 200 27.56 0.79 43.92
C ASP A 200 26.79 -0.46 43.52
N VAL A 201 25.48 -0.34 43.38
CA VAL A 201 24.62 -1.46 42.99
C VAL A 201 24.94 -1.95 41.57
N GLY A 202 25.20 -0.99 40.68
CA GLY A 202 25.58 -1.33 39.32
C GLY A 202 26.85 -2.16 39.29
N SER A 203 27.88 -1.69 39.97
CA SER A 203 29.14 -2.41 40.04
C SER A 203 28.99 -3.74 40.79
N ALA A 204 28.04 -3.78 41.72
CA ALA A 204 27.79 -4.99 42.50
C ALA A 204 27.28 -6.12 41.60
N LEU A 205 26.40 -5.78 40.67
CA LEU A 205 25.85 -6.76 39.73
C LEU A 205 26.87 -7.06 38.64
N SER A 206 27.72 -6.09 38.34
CA SER A 206 28.75 -6.24 37.32
C SER A 206 29.87 -7.14 37.82
N ALA A 207 29.89 -7.40 39.12
CA ALA A 207 30.94 -8.20 39.74
C ALA A 207 30.46 -9.55 40.22
N GLN A 208 29.31 -9.58 40.88
CA GLN A 208 28.79 -10.81 41.46
C GLN A 208 27.89 -11.58 40.50
N ASN A 209 27.83 -11.13 39.25
CA ASN A 209 27.03 -11.79 38.22
C ASN A 209 27.74 -11.80 36.87
N ILE A 210 28.75 -12.66 36.74
CA ILE A 210 29.54 -12.71 35.51
C ILE A 210 29.69 -14.12 34.94
N GLN A 211 29.72 -14.21 33.62
CA GLN A 211 29.90 -15.50 32.95
C GLN A 211 31.35 -15.96 33.04
N ILE A 212 31.58 -17.02 33.80
CA ILE A 212 32.93 -17.53 34.03
C ILE A 212 33.20 -18.84 33.31
N SER A 213 34.25 -18.85 32.50
CA SER A 213 34.69 -20.05 31.81
C SER A 213 36.03 -20.50 32.39
N ALA A 214 36.10 -21.76 32.79
CA ALA A 214 37.32 -22.29 33.41
C ALA A 214 38.27 -22.84 32.36
N GLY A 215 38.16 -24.14 32.09
CA GLY A 215 39.02 -24.80 31.13
C GLY A 215 38.87 -26.31 31.17
N SER A 216 39.98 -27.01 31.13
CA SER A 216 39.96 -28.47 31.12
C SER A 216 41.15 -29.09 31.83
N ILE A 217 40.93 -30.28 32.39
CA ILE A 217 42.00 -31.06 33.00
C ILE A 217 42.69 -31.87 31.91
N GLY A 218 44.03 -31.86 31.92
CA GLY A 218 44.79 -32.62 30.95
C GLY A 218 44.62 -32.12 29.52
N SER A 219 44.45 -30.82 29.37
CA SER A 219 44.33 -30.20 28.05
C SER A 219 45.68 -30.17 27.35
N LEU A 220 45.68 -29.74 26.09
CA LEU A 220 46.91 -29.66 25.32
C LEU A 220 47.62 -28.33 25.53
N PRO A 221 48.95 -28.35 25.71
CA PRO A 221 49.79 -29.56 25.77
C PRO A 221 49.67 -30.27 27.10
N ALA A 222 49.81 -31.59 27.08
CA ALA A 222 49.69 -32.41 28.29
C ALA A 222 50.98 -33.17 28.56
N VAL A 223 51.11 -33.66 29.79
CA VAL A 223 52.28 -34.46 30.15
C VAL A 223 52.21 -35.82 29.47
N ARG A 224 53.32 -36.53 29.46
CA ARG A 224 53.38 -37.85 28.83
C ARG A 224 52.53 -38.85 29.60
N GLY A 225 51.79 -39.69 28.86
CA GLY A 225 50.98 -40.73 29.46
C GLY A 225 49.79 -40.22 30.24
N GLN A 226 49.37 -38.99 29.99
CA GLN A 226 48.15 -38.46 30.59
C GLN A 226 46.97 -39.32 30.14
N THR A 227 45.97 -39.46 31.01
CA THR A 227 44.87 -40.38 30.75
C THR A 227 43.54 -39.68 30.44
N VAL A 228 43.15 -38.72 31.26
CA VAL A 228 41.84 -38.13 31.16
C VAL A 228 41.84 -36.63 30.80
N THR A 229 40.99 -36.26 29.85
CA THR A 229 40.75 -34.86 29.53
C THR A 229 39.30 -34.49 29.83
N ALA A 230 39.10 -33.60 30.79
CA ALA A 230 37.76 -33.24 31.24
C ALA A 230 37.63 -31.74 31.51
N THR A 231 36.59 -31.14 30.97
CA THR A 231 36.30 -29.72 31.20
C THR A 231 35.76 -29.51 32.61
N VAL A 232 35.99 -28.32 33.16
CA VAL A 232 35.52 -27.99 34.50
C VAL A 232 34.57 -26.80 34.44
N THR A 233 33.48 -26.88 35.21
CA THR A 233 32.44 -25.85 35.16
C THR A 233 32.35 -25.05 36.45
N ALA A 234 32.05 -23.77 36.30
CA ALA A 234 31.81 -22.88 37.43
C ALA A 234 30.78 -21.84 37.03
N GLN A 235 29.82 -21.59 37.91
CA GLN A 235 28.75 -20.64 37.60
C GLN A 235 28.84 -19.37 38.42
N GLY A 236 29.08 -18.26 37.73
CA GLY A 236 29.12 -16.95 38.37
C GLY A 236 27.95 -16.10 37.92
N GLN A 237 26.86 -16.77 37.54
CA GLN A 237 25.69 -16.09 37.04
C GLN A 237 24.47 -16.29 37.92
N LEU A 238 23.88 -15.19 38.36
CA LEU A 238 22.67 -15.25 39.18
C LEU A 238 21.45 -15.51 38.30
N GLY A 239 20.62 -16.48 38.69
CA GLY A 239 19.50 -16.88 37.89
C GLY A 239 18.15 -16.39 38.38
N THR A 240 17.97 -16.36 39.70
CA THR A 240 16.69 -15.97 40.28
C THR A 240 16.74 -14.59 40.91
N ALA A 241 15.57 -14.04 41.22
CA ALA A 241 15.48 -12.72 41.83
C ALA A 241 16.03 -12.71 43.25
N GLU A 242 15.89 -13.85 43.94
CA GLU A 242 16.38 -13.98 45.30
C GLU A 242 17.90 -13.88 45.34
N GLU A 243 18.55 -14.55 44.40
CA GLU A 243 20.01 -14.52 44.30
C GLU A 243 20.50 -13.12 43.95
N PHE A 244 19.67 -12.36 43.23
CA PHE A 244 19.99 -10.99 42.87
C PHE A 244 19.80 -10.05 44.06
N GLY A 245 18.94 -10.45 44.99
CA GLY A 245 18.70 -9.66 46.18
C GLY A 245 19.77 -9.86 47.22
N ASN A 246 20.42 -11.01 47.19
CA ASN A 246 21.45 -11.35 48.15
C ASN A 246 22.86 -10.99 47.67
N VAL A 247 22.93 -10.04 46.73
CA VAL A 247 24.23 -9.57 46.26
C VAL A 247 24.77 -8.50 47.21
N ILE A 248 26.08 -8.52 47.44
CA ILE A 248 26.69 -7.60 48.38
C ILE A 248 26.99 -6.24 47.78
N LEU A 249 26.47 -5.19 48.41
CA LEU A 249 26.72 -3.82 47.98
C LEU A 249 27.90 -3.27 48.77
N ARG A 250 28.07 -3.78 49.97
CA ARG A 250 29.17 -3.39 50.86
C ARG A 250 29.30 -4.39 51.99
N ALA A 251 30.54 -4.80 52.28
CA ALA A 251 30.80 -5.71 53.38
C ALA A 251 31.37 -4.95 54.58
N ASN A 252 30.62 -4.95 55.68
CA ASN A 252 31.09 -4.30 56.90
C ASN A 252 32.15 -5.14 57.61
N THR A 253 32.90 -4.49 58.50
CA THR A 253 34.05 -5.13 59.14
C THR A 253 33.65 -6.15 60.19
N ASP A 254 32.49 -5.95 60.81
CA ASP A 254 32.02 -6.84 61.88
C ASP A 254 31.45 -8.14 61.32
N GLY A 255 31.30 -8.22 60.01
CA GLY A 255 30.77 -9.41 59.37
C GLY A 255 29.41 -9.18 58.75
N SER A 256 28.86 -7.99 58.97
CA SER A 256 27.56 -7.63 58.42
C SER A 256 27.68 -7.27 56.94
N ASN A 257 26.68 -7.66 56.16
CA ASN A 257 26.67 -7.38 54.73
C ASN A 257 25.44 -6.58 54.31
N ILE A 258 25.66 -5.54 53.50
CA ILE A 258 24.57 -4.77 52.93
C ILE A 258 24.12 -5.44 51.64
N TYR A 259 22.87 -5.88 51.61
CA TYR A 259 22.35 -6.61 50.45
C TYR A 259 21.48 -5.72 49.56
N LEU A 260 21.16 -6.24 48.38
CA LEU A 260 20.25 -5.56 47.47
C LEU A 260 18.82 -5.85 47.90
N LYS A 261 18.69 -6.86 48.76
CA LYS A 261 17.41 -7.22 49.36
C LYS A 261 16.93 -6.10 50.28
N ASP A 262 17.89 -5.30 50.76
CA ASP A 262 17.59 -4.23 51.71
C ASP A 262 17.30 -2.92 50.99
N VAL A 263 18.08 -2.63 49.95
CA VAL A 263 18.04 -1.33 49.29
C VAL A 263 17.16 -1.32 48.04
N ALA A 264 16.73 -2.51 47.61
CA ALA A 264 15.99 -2.61 46.35
C ALA A 264 14.90 -3.67 46.36
N LYS A 265 13.87 -3.43 45.55
CA LYS A 265 12.86 -4.43 45.25
C LYS A 265 13.24 -5.16 43.96
N VAL A 266 13.72 -6.38 44.11
CA VAL A 266 14.23 -7.14 42.97
C VAL A 266 13.24 -8.22 42.51
N GLY A 267 13.07 -8.35 41.20
CA GLY A 267 12.19 -9.34 40.63
C GLY A 267 12.18 -9.33 39.12
N LEU A 268 11.40 -10.22 38.53
CA LEU A 268 11.25 -10.27 37.07
C LEU A 268 10.22 -9.26 36.58
N GLY A 269 10.66 -8.37 35.71
CA GLY A 269 9.76 -7.42 35.08
C GLY A 269 10.03 -7.41 33.59
N MET A 270 9.65 -6.34 32.91
CA MET A 270 9.89 -6.21 31.48
C MET A 270 11.09 -5.29 31.21
N GLU A 271 11.54 -5.26 29.97
CA GLU A 271 12.62 -4.37 29.58
C GLU A 271 12.09 -2.95 29.40
N ASP A 272 10.86 -2.84 28.90
CA ASP A 272 10.17 -1.56 28.77
C ASP A 272 8.73 -1.71 29.27
N TYR A 273 8.09 -0.59 29.57
CA TYR A 273 6.72 -0.62 30.09
C TYR A 273 5.83 0.38 29.37
N SER A 274 6.10 0.64 28.10
CA SER A 274 5.41 1.69 27.37
C SER A 274 4.19 1.20 26.59
N SER A 275 4.41 0.22 25.72
CA SER A 275 3.35 -0.25 24.81
C SER A 275 2.25 -1.05 25.52
N SER A 276 1.00 -0.65 25.29
CA SER A 276 -0.15 -1.33 25.88
C SER A 276 -1.14 -1.76 24.80
N THR A 277 -1.26 -3.07 24.59
CA THR A 277 -2.13 -3.62 23.56
C THR A 277 -3.39 -4.21 24.16
N ARG A 278 -4.53 -3.93 23.52
CA ARG A 278 -5.83 -4.39 24.04
C ARG A 278 -6.79 -4.81 22.93
N LEU A 279 -7.24 -6.06 22.98
CA LEU A 279 -8.25 -6.55 22.05
C LEU A 279 -9.64 -6.46 22.70
N ASN A 280 -10.48 -5.59 22.18
CA ASN A 280 -11.84 -5.40 22.71
C ASN A 280 -11.90 -5.05 24.19
N GLY A 281 -10.82 -4.51 24.72
CA GLY A 281 -10.77 -4.11 26.11
C GLY A 281 -9.85 -4.98 26.95
N VAL A 282 -9.98 -6.29 26.82
CA VAL A 282 -9.16 -7.22 27.60
C VAL A 282 -7.68 -7.08 27.23
N ASN A 283 -6.81 -7.29 28.21
CA ASN A 283 -5.38 -7.12 28.00
C ASN A 283 -4.75 -8.28 27.23
N THR A 284 -4.59 -8.08 25.93
CA THR A 284 -3.99 -9.08 25.06
C THR A 284 -2.65 -8.58 24.54
N THR A 285 -1.88 -9.48 23.93
CA THR A 285 -0.57 -9.14 23.42
C THR A 285 -0.35 -9.71 22.03
N GLY A 286 -0.46 -8.84 21.02
CA GLY A 286 -0.40 -9.28 19.64
C GLY A 286 0.94 -9.10 18.95
N MET A 287 1.15 -9.86 17.88
CA MET A 287 2.37 -9.76 17.09
C MET A 287 2.04 -9.28 15.69
N ALA A 288 2.72 -8.24 15.24
CA ALA A 288 2.47 -7.67 13.92
C ALA A 288 3.54 -8.11 12.91
N VAL A 289 3.12 -8.87 11.92
CA VAL A 289 4.01 -9.27 10.83
C VAL A 289 3.90 -8.28 9.67
N MET A 290 5.05 -7.81 9.19
CA MET A 290 5.10 -6.90 8.06
C MET A 290 5.80 -7.58 6.88
N LEU A 291 5.55 -7.10 5.68
CA LEU A 291 6.13 -7.72 4.49
C LEU A 291 7.48 -7.15 4.12
N SER A 292 8.38 -8.04 3.71
CA SER A 292 9.62 -7.63 3.09
C SER A 292 9.26 -7.14 1.69
N ASN A 293 10.20 -6.50 1.00
CA ASN A 293 9.95 -5.95 -0.32
C ASN A 293 9.70 -7.02 -1.39
N SER A 294 9.84 -8.28 -1.01
CA SER A 294 9.48 -9.40 -1.86
C SER A 294 8.33 -10.16 -1.22
N GLY A 295 7.51 -9.45 -0.47
CA GLY A 295 6.44 -10.07 0.30
C GLY A 295 5.10 -10.15 -0.41
N ASN A 296 4.41 -11.26 -0.19
CA ASN A 296 3.07 -11.45 -0.73
C ASN A 296 2.05 -11.10 0.34
N ALA A 297 0.76 -11.39 0.08
CA ALA A 297 -0.28 -11.13 1.05
C ALA A 297 -1.08 -12.39 1.38
N MET A 298 -1.41 -13.16 0.36
CA MET A 298 -2.16 -14.39 0.56
C MET A 298 -1.25 -15.53 0.98
N ALA A 299 -0.15 -15.72 0.26
CA ALA A 299 0.78 -16.80 0.52
C ALA A 299 1.49 -16.64 1.87
N THR A 300 1.87 -15.40 2.19
CA THR A 300 2.58 -15.12 3.43
C THR A 300 1.66 -15.30 4.64
N ALA A 301 0.49 -14.65 4.59
CA ALA A 301 -0.48 -14.75 5.68
C ALA A 301 -0.99 -16.17 5.87
N LYS A 302 -1.11 -16.91 4.76
CA LYS A 302 -1.46 -18.32 4.83
C LYS A 302 -0.39 -19.05 5.61
N ALA A 303 0.86 -18.75 5.29
CA ALA A 303 2.00 -19.44 5.89
C ALA A 303 2.10 -19.20 7.39
N VAL A 304 1.88 -17.96 7.81
CA VAL A 304 2.03 -17.60 9.22
C VAL A 304 0.87 -18.10 10.10
N LYS A 305 -0.31 -18.26 9.50
CA LYS A 305 -1.48 -18.69 10.24
C LYS A 305 -1.55 -20.20 10.37
N GLU A 306 -0.92 -20.91 9.44
CA GLU A 306 -0.89 -22.36 9.48
C GLU A 306 0.41 -22.86 10.10
N ARG A 307 1.36 -21.94 10.29
CA ARG A 307 2.57 -22.23 11.05
C ARG A 307 2.28 -22.04 12.55
N LEU A 308 1.53 -20.99 12.86
CA LEU A 308 1.13 -20.74 14.24
C LEU A 308 0.10 -21.77 14.71
N ALA A 309 -0.51 -22.45 13.75
CA ALA A 309 -1.47 -23.50 14.05
C ALA A 309 -0.76 -24.69 14.70
N VAL A 310 0.36 -25.08 14.11
CA VAL A 310 1.18 -26.16 14.65
C VAL A 310 1.94 -25.71 15.90
N LEU A 311 2.34 -24.43 15.90
CA LEU A 311 3.05 -23.85 17.05
C LEU A 311 2.23 -23.93 18.33
N GLU A 312 0.91 -23.75 18.20
CA GLU A 312 0.01 -23.76 19.34
C GLU A 312 0.02 -25.10 20.07
N LYS A 313 0.32 -26.17 19.34
CA LYS A 313 0.37 -27.51 19.91
C LYS A 313 1.37 -27.61 21.05
N TYR A 314 2.42 -26.79 20.97
CA TYR A 314 3.49 -26.82 21.96
C TYR A 314 3.40 -25.65 22.94
N PHE A 315 2.29 -24.92 22.88
CA PHE A 315 2.05 -23.81 23.79
C PHE A 315 1.85 -24.31 25.21
N PRO A 316 2.15 -23.47 26.20
CA PRO A 316 1.62 -23.72 27.54
C PRO A 316 0.13 -23.43 27.50
N GLN A 317 -0.70 -24.48 27.57
CA GLN A 317 -2.14 -24.38 27.34
C GLN A 317 -2.85 -23.27 28.10
N GLY A 318 -4.00 -22.87 27.59
CA GLY A 318 -4.69 -21.69 28.06
C GLY A 318 -4.33 -20.54 27.14
N MET A 319 -3.46 -20.85 26.19
CA MET A 319 -2.93 -19.86 25.25
C MET A 319 -3.59 -20.02 23.89
N SER A 320 -4.37 -19.02 23.49
CA SER A 320 -5.07 -19.07 22.22
C SER A 320 -4.61 -17.97 21.28
N TRP A 321 -4.74 -18.20 19.98
CA TRP A 321 -4.30 -17.23 18.98
C TRP A 321 -5.42 -16.81 18.04
N LYS A 322 -5.73 -15.52 18.03
CA LYS A 322 -6.76 -14.97 17.16
C LYS A 322 -6.12 -14.05 16.12
N THR A 323 -6.66 -14.08 14.90
CA THR A 323 -6.17 -13.22 13.84
C THR A 323 -7.29 -12.33 13.28
N PRO A 324 -7.65 -11.27 14.01
CA PRO A 324 -8.70 -10.34 13.56
C PRO A 324 -8.25 -9.56 12.33
N TYR A 325 -7.07 -8.95 12.41
CA TYR A 325 -6.49 -8.23 11.30
C TYR A 325 -5.92 -9.24 10.31
N ASP A 326 -6.36 -9.16 9.05
CA ASP A 326 -5.91 -10.09 8.03
C ASP A 326 -6.28 -9.56 6.65
N THR A 327 -5.26 -9.25 5.84
CA THR A 327 -5.50 -8.70 4.51
C THR A 327 -5.51 -9.79 3.45
N SER A 328 -5.37 -11.04 3.87
CA SER A 328 -5.43 -12.16 2.94
C SER A 328 -6.87 -12.47 2.59
N LYS A 329 -7.79 -12.10 3.49
CA LYS A 329 -9.22 -12.33 3.26
C LYS A 329 -9.74 -11.40 2.18
N PHE A 330 -9.09 -10.26 2.02
CA PHE A 330 -9.45 -9.31 0.97
C PHE A 330 -9.03 -9.87 -0.38
N VAL A 331 -7.92 -10.60 -0.40
CA VAL A 331 -7.43 -11.23 -1.62
C VAL A 331 -8.31 -12.41 -2.01
N GLU A 332 -8.68 -13.22 -1.02
CA GLU A 332 -9.58 -14.35 -1.26
C GLU A 332 -10.89 -13.87 -1.87
N ILE A 333 -11.33 -12.69 -1.44
CA ILE A 333 -12.53 -12.07 -1.99
C ILE A 333 -12.33 -11.73 -3.47
N SER A 334 -11.12 -11.32 -3.83
CA SER A 334 -10.81 -10.98 -5.22
C SER A 334 -10.86 -12.19 -6.15
N ILE A 335 -10.30 -13.31 -5.71
CA ILE A 335 -10.35 -14.52 -6.52
C ILE A 335 -11.76 -15.09 -6.55
N GLU A 336 -12.55 -14.79 -5.53
CA GLU A 336 -13.96 -15.15 -5.54
C GLU A 336 -14.69 -14.26 -6.53
N LYS A 337 -14.23 -13.01 -6.63
CA LYS A 337 -14.84 -12.04 -7.52
C LYS A 337 -14.52 -12.35 -8.97
N VAL A 338 -13.29 -12.81 -9.24
CA VAL A 338 -12.90 -13.12 -10.60
C VAL A 338 -13.64 -14.34 -11.13
N ILE A 339 -13.83 -15.34 -10.27
CA ILE A 339 -14.56 -16.55 -10.65
C ILE A 339 -16.03 -16.25 -10.93
N HIS A 340 -16.66 -15.54 -9.99
CA HIS A 340 -18.06 -15.18 -10.10
C HIS A 340 -18.32 -14.29 -11.32
N THR A 341 -17.52 -13.25 -11.47
CA THR A 341 -17.70 -12.30 -12.56
C THR A 341 -17.41 -12.89 -13.94
N LEU A 342 -16.34 -13.68 -14.04
CA LEU A 342 -16.03 -14.34 -15.31
C LEU A 342 -17.14 -15.30 -15.70
N ILE A 343 -17.75 -15.93 -14.70
CA ILE A 343 -18.89 -16.81 -14.92
C ILE A 343 -20.09 -16.00 -15.43
N GLU A 344 -20.33 -14.86 -14.80
CA GLU A 344 -21.43 -13.98 -15.19
C GLU A 344 -21.26 -13.47 -16.62
N ALA A 345 -20.05 -13.01 -16.94
CA ALA A 345 -19.76 -12.48 -18.28
C ALA A 345 -19.77 -13.58 -19.34
N MET A 346 -19.30 -14.76 -18.99
CA MET A 346 -19.23 -15.88 -19.92
C MET A 346 -20.61 -16.41 -20.26
N VAL A 347 -21.42 -16.64 -19.23
CA VAL A 347 -22.81 -17.06 -19.40
C VAL A 347 -23.55 -16.03 -20.24
N LEU A 348 -23.27 -14.77 -19.97
CA LEU A 348 -23.88 -13.67 -20.69
C LEU A 348 -23.52 -13.69 -22.19
N VAL A 349 -22.23 -13.70 -22.47
CA VAL A 349 -21.74 -13.72 -23.86
C VAL A 349 -22.31 -14.90 -24.64
N PHE A 350 -22.38 -16.05 -23.99
CA PHE A 350 -23.00 -17.23 -24.59
C PHE A 350 -24.44 -16.98 -24.99
N VAL A 351 -25.18 -16.29 -24.13
CA VAL A 351 -26.60 -16.03 -24.36
C VAL A 351 -26.84 -15.18 -25.61
N VAL A 352 -26.11 -14.07 -25.74
CA VAL A 352 -26.26 -13.20 -26.91
C VAL A 352 -25.90 -13.94 -28.21
N MET A 353 -24.87 -14.78 -28.15
CA MET A 353 -24.46 -15.56 -29.31
C MET A 353 -25.46 -16.63 -29.69
N TYR A 354 -26.04 -17.30 -28.69
CA TYR A 354 -27.07 -18.29 -28.95
C TYR A 354 -28.34 -17.61 -29.42
N LEU A 355 -28.54 -16.37 -28.98
CA LEU A 355 -29.72 -15.62 -29.36
C LEU A 355 -29.59 -15.07 -30.77
N PHE A 356 -28.34 -15.00 -31.26
CA PHE A 356 -28.08 -14.51 -32.61
C PHE A 356 -27.82 -15.65 -33.60
N LEU A 357 -26.97 -16.59 -33.22
CA LEU A 357 -26.62 -17.71 -34.08
C LEU A 357 -27.71 -18.77 -34.09
N GLN A 358 -28.50 -18.81 -33.02
CA GLN A 358 -29.70 -19.64 -32.93
C GLN A 358 -29.47 -21.15 -33.04
N ASN A 359 -28.31 -21.61 -32.60
CA ASN A 359 -28.04 -23.04 -32.52
C ASN A 359 -26.89 -23.33 -31.57
N ILE A 360 -27.01 -24.44 -30.82
CA ILE A 360 -26.01 -24.80 -29.83
C ILE A 360 -24.65 -25.11 -30.45
N ARG A 361 -24.67 -25.71 -31.64
CA ARG A 361 -23.43 -26.00 -32.36
C ARG A 361 -22.66 -24.72 -32.69
N TYR A 362 -23.38 -23.72 -33.20
CA TYR A 362 -22.78 -22.43 -33.53
C TYR A 362 -22.23 -21.74 -32.30
N THR A 363 -22.98 -21.82 -31.20
CA THR A 363 -22.68 -21.02 -30.01
C THR A 363 -21.71 -21.69 -29.03
N LEU A 364 -21.49 -22.99 -29.20
CA LEU A 364 -20.66 -23.74 -28.26
C LEU A 364 -19.17 -23.48 -28.45
N ILE A 365 -18.79 -23.08 -29.66
CA ILE A 365 -17.37 -22.89 -29.97
C ILE A 365 -16.73 -21.59 -29.41
N PRO A 366 -17.38 -20.43 -29.56
CA PRO A 366 -16.69 -19.23 -29.05
C PRO A 366 -16.59 -19.18 -27.53
N THR A 367 -17.45 -19.93 -26.83
CA THR A 367 -17.35 -20.00 -25.38
C THR A 367 -16.27 -21.00 -24.95
N ILE A 368 -15.81 -21.79 -25.91
CA ILE A 368 -14.73 -22.73 -25.68
C ILE A 368 -13.40 -22.05 -26.04
N VAL A 369 -13.51 -20.97 -26.80
CA VAL A 369 -12.34 -20.19 -27.21
C VAL A 369 -11.81 -19.32 -26.07
N VAL A 370 -12.71 -18.72 -25.29
CA VAL A 370 -12.30 -17.79 -24.23
C VAL A 370 -11.50 -18.37 -23.06
N PRO A 371 -11.75 -19.64 -22.65
CA PRO A 371 -10.88 -20.09 -21.57
C PRO A 371 -9.47 -20.34 -22.10
N ILE A 372 -9.39 -20.80 -23.35
CA ILE A 372 -8.13 -21.10 -23.99
C ILE A 372 -7.29 -19.83 -24.20
N SER A 373 -7.93 -18.78 -24.69
CA SER A 373 -7.24 -17.51 -24.96
C SER A 373 -6.85 -16.78 -23.68
N LEU A 374 -7.65 -16.94 -22.63
CA LEU A 374 -7.35 -16.33 -21.34
C LEU A 374 -6.28 -17.13 -20.59
N LEU A 375 -6.30 -18.45 -20.78
CA LEU A 375 -5.27 -19.31 -20.21
C LEU A 375 -3.93 -18.97 -20.85
N GLY A 376 -3.98 -18.57 -22.11
CA GLY A 376 -2.79 -18.14 -22.83
C GLY A 376 -2.20 -16.90 -22.19
N GLY A 377 -3.07 -15.94 -21.88
CA GLY A 377 -2.66 -14.74 -21.18
C GLY A 377 -2.07 -15.09 -19.84
N PHE A 378 -2.74 -15.99 -19.11
CA PHE A 378 -2.27 -16.50 -17.82
C PHE A 378 -0.84 -17.04 -17.89
N ALA A 379 -0.51 -17.69 -19.00
CA ALA A 379 0.83 -18.22 -19.20
C ALA A 379 1.83 -17.07 -19.30
N PHE A 380 1.45 -16.03 -20.04
CA PHE A 380 2.30 -14.86 -20.22
C PHE A 380 2.46 -14.11 -18.90
N ILE A 381 1.46 -14.20 -18.03
CA ILE A 381 1.49 -13.52 -16.74
C ILE A 381 2.58 -14.10 -15.84
N SER A 382 2.67 -15.43 -15.79
CA SER A 382 3.65 -16.09 -14.95
C SER A 382 5.06 -15.93 -15.51
N TYR A 383 5.15 -15.75 -16.83
CA TYR A 383 6.44 -15.60 -17.50
C TYR A 383 7.10 -14.28 -17.12
N MET A 384 6.30 -13.22 -17.05
CA MET A 384 6.83 -11.88 -16.78
C MET A 384 7.11 -11.68 -15.29
N GLY A 385 6.78 -12.69 -14.48
CA GLY A 385 7.05 -12.64 -13.06
C GLY A 385 6.08 -11.81 -12.26
N MET A 386 5.09 -11.24 -12.94
CA MET A 386 4.12 -10.37 -12.27
C MET A 386 3.09 -11.18 -11.49
N SER A 387 2.93 -10.86 -10.22
CA SER A 387 1.85 -11.42 -9.43
C SER A 387 0.54 -10.86 -9.97
N ILE A 388 -0.51 -11.67 -9.96
CA ILE A 388 -1.79 -11.25 -10.53
C ILE A 388 -2.40 -10.07 -9.78
N ASN A 389 -2.44 -8.91 -10.43
CA ASN A 389 -3.07 -7.74 -9.84
C ASN A 389 -4.55 -7.73 -10.18
N VAL A 390 -5.32 -6.91 -9.47
CA VAL A 390 -6.75 -6.81 -9.74
C VAL A 390 -7.06 -6.36 -11.17
N LEU A 391 -6.36 -5.33 -11.64
CA LEU A 391 -6.63 -4.73 -12.96
C LEU A 391 -6.48 -5.73 -14.10
N THR A 392 -5.61 -6.71 -13.89
CA THR A 392 -5.37 -7.75 -14.89
C THR A 392 -6.64 -8.56 -15.11
N MET A 393 -7.31 -8.91 -14.02
CA MET A 393 -8.57 -9.62 -14.10
C MET A 393 -9.66 -8.74 -14.73
N PHE A 394 -9.60 -7.44 -14.47
CA PHE A 394 -10.53 -6.49 -15.06
C PHE A 394 -10.41 -6.58 -16.57
N ALA A 395 -9.17 -6.58 -17.04
CA ALA A 395 -8.86 -6.73 -18.46
C ALA A 395 -9.61 -7.94 -18.99
N MET A 396 -9.14 -9.13 -18.61
CA MET A 396 -9.74 -10.39 -19.02
C MET A 396 -11.26 -10.46 -18.87
N ILE A 397 -11.82 -9.70 -17.94
CA ILE A 397 -13.27 -9.54 -17.84
C ILE A 397 -13.82 -8.53 -18.86
N LEU A 398 -13.09 -7.43 -19.07
CA LEU A 398 -13.45 -6.50 -20.13
C LEU A 398 -13.10 -7.12 -21.46
N VAL A 399 -11.88 -7.64 -21.54
CA VAL A 399 -11.35 -8.21 -22.77
C VAL A 399 -12.20 -9.39 -23.24
N ILE A 400 -12.76 -10.18 -22.32
CA ILE A 400 -13.53 -11.39 -22.69
C ILE A 400 -14.46 -11.19 -23.89
N GLY A 401 -15.06 -10.00 -24.00
CA GLY A 401 -15.84 -9.65 -25.17
C GLY A 401 -14.98 -9.59 -26.41
N ILE A 402 -13.83 -8.92 -26.31
CA ILE A 402 -12.97 -8.71 -27.48
C ILE A 402 -12.31 -9.99 -28.02
N VAL A 403 -12.16 -11.00 -27.18
CA VAL A 403 -11.66 -12.29 -27.66
C VAL A 403 -12.76 -13.02 -28.42
N VAL A 404 -14.00 -12.78 -28.00
CA VAL A 404 -15.15 -13.36 -28.67
C VAL A 404 -15.41 -12.60 -29.96
N ASP A 405 -15.04 -11.32 -29.96
CA ASP A 405 -15.23 -10.44 -31.11
C ASP A 405 -14.75 -11.05 -32.43
N ASP A 406 -13.54 -11.60 -32.42
CA ASP A 406 -12.98 -12.23 -33.62
C ASP A 406 -13.68 -13.54 -33.92
N ALA A 407 -13.97 -14.31 -32.88
CA ALA A 407 -14.73 -15.55 -33.05
C ALA A 407 -16.14 -15.21 -33.54
N ILE A 408 -16.71 -14.13 -33.03
CA ILE A 408 -18.01 -13.66 -33.49
C ILE A 408 -17.96 -13.18 -34.92
N VAL A 409 -16.99 -12.31 -35.24
CA VAL A 409 -16.84 -11.80 -36.60
C VAL A 409 -16.76 -12.93 -37.61
N VAL A 410 -15.98 -13.96 -37.29
CA VAL A 410 -15.88 -15.12 -38.16
C VAL A 410 -17.19 -15.92 -38.19
N VAL A 411 -17.70 -16.29 -37.02
CA VAL A 411 -18.89 -17.13 -36.94
C VAL A 411 -20.14 -16.45 -37.50
N GLU A 412 -20.18 -15.12 -37.44
CA GLU A 412 -21.30 -14.37 -38.00
C GLU A 412 -21.20 -14.34 -39.51
N ASN A 413 -19.98 -14.19 -40.02
CA ASN A 413 -19.75 -14.10 -41.46
C ASN A 413 -19.99 -15.42 -42.19
N VAL A 414 -19.62 -16.53 -41.57
CA VAL A 414 -19.93 -17.84 -42.14
C VAL A 414 -21.43 -18.09 -42.04
N GLU A 415 -22.03 -17.64 -40.94
CA GLU A 415 -23.47 -17.75 -40.75
C GLU A 415 -24.21 -16.95 -41.82
N ARG A 416 -23.69 -15.77 -42.13
CA ARG A 416 -24.24 -14.94 -43.19
C ARG A 416 -24.10 -15.67 -44.52
N ILE A 417 -22.94 -16.28 -44.69
CA ILE A 417 -22.62 -16.99 -45.93
C ILE A 417 -23.37 -18.33 -46.00
N MET A 418 -23.53 -18.98 -44.85
CA MET A 418 -24.32 -20.22 -44.77
C MET A 418 -25.79 -19.95 -45.06
N ALA A 419 -26.16 -18.67 -45.14
CA ALA A 419 -27.50 -18.26 -45.52
C ALA A 419 -27.47 -17.58 -46.89
N GLY A 420 -26.40 -16.82 -47.13
CA GLY A 420 -26.23 -16.11 -48.38
C GLY A 420 -25.71 -17.04 -49.45
N GLU A 421 -24.42 -17.36 -49.40
CA GLU A 421 -23.86 -18.37 -50.29
C GLU A 421 -24.55 -19.72 -50.06
N GLY A 422 -24.88 -19.97 -48.80
CA GLY A 422 -25.72 -21.10 -48.42
C GLY A 422 -25.27 -22.47 -48.91
N LEU A 423 -23.97 -22.74 -48.78
CA LEU A 423 -23.37 -24.00 -49.24
C LEU A 423 -22.97 -24.86 -48.03
N PRO A 424 -22.72 -26.16 -48.24
CA PRO A 424 -22.34 -27.09 -47.16
C PRO A 424 -21.27 -26.53 -46.20
N PRO A 425 -21.33 -26.88 -44.91
CA PRO A 425 -20.45 -26.36 -43.85
C PRO A 425 -18.99 -26.12 -44.24
N LYS A 426 -18.45 -26.90 -45.16
CA LYS A 426 -17.07 -26.73 -45.58
C LYS A 426 -16.90 -25.62 -46.62
N GLU A 427 -17.69 -25.68 -47.68
CA GLU A 427 -17.61 -24.70 -48.77
C GLU A 427 -18.01 -23.30 -48.32
N ALA A 428 -18.96 -23.21 -47.40
CA ALA A 428 -19.39 -21.92 -46.88
C ALA A 428 -18.29 -21.27 -46.05
N THR A 429 -17.54 -22.09 -45.31
CA THR A 429 -16.43 -21.59 -44.50
C THR A 429 -15.25 -21.17 -45.36
N LYS A 430 -15.13 -21.78 -46.54
CA LYS A 430 -14.11 -21.40 -47.50
C LYS A 430 -14.37 -20.00 -48.00
N LYS A 431 -15.64 -19.74 -48.34
CA LYS A 431 -16.07 -18.41 -48.78
C LYS A 431 -15.95 -17.43 -47.63
N ALA A 432 -16.15 -17.93 -46.41
CA ALA A 432 -16.05 -17.10 -45.21
C ALA A 432 -14.62 -16.62 -45.02
N MET A 433 -13.70 -17.58 -44.87
CA MET A 433 -12.30 -17.26 -44.62
C MET A 433 -11.69 -16.44 -45.75
N GLY A 434 -12.22 -16.57 -46.96
CA GLY A 434 -11.67 -15.89 -48.12
C GLY A 434 -12.00 -14.41 -48.15
N GLN A 435 -13.11 -14.03 -47.53
CA GLN A 435 -13.58 -12.65 -47.57
C GLN A 435 -13.37 -11.91 -46.25
N ILE A 436 -13.14 -12.66 -45.18
CA ILE A 436 -13.14 -12.06 -43.85
C ILE A 436 -11.82 -12.20 -43.07
N SER A 437 -10.89 -13.00 -43.58
CA SER A 437 -9.64 -13.25 -42.86
C SER A 437 -8.86 -11.97 -42.57
N GLY A 438 -8.58 -11.21 -43.63
CA GLY A 438 -7.88 -9.94 -43.48
C GLY A 438 -8.67 -8.95 -42.65
N ALA A 439 -9.99 -9.08 -42.68
CA ALA A 439 -10.87 -8.22 -41.91
C ALA A 439 -10.73 -8.49 -40.42
N VAL A 440 -10.37 -9.72 -40.07
CA VAL A 440 -10.12 -10.10 -38.69
C VAL A 440 -8.74 -9.62 -38.26
N ILE A 441 -7.78 -9.74 -39.18
CA ILE A 441 -6.41 -9.27 -38.95
C ILE A 441 -6.40 -7.79 -38.56
N GLY A 442 -7.30 -7.03 -39.18
CA GLY A 442 -7.47 -5.62 -38.83
C GLY A 442 -7.75 -5.44 -37.35
N ILE A 443 -8.87 -6.00 -36.90
CA ILE A 443 -9.29 -5.92 -35.49
C ILE A 443 -8.16 -6.24 -34.51
N THR A 444 -7.44 -7.32 -34.77
CA THR A 444 -6.33 -7.75 -33.93
C THR A 444 -5.26 -6.67 -33.82
N ALA A 445 -4.71 -6.27 -34.97
CA ALA A 445 -3.60 -5.35 -35.03
C ALA A 445 -3.90 -3.98 -34.42
N VAL A 446 -5.15 -3.55 -34.50
CA VAL A 446 -5.51 -2.22 -34.02
C VAL A 446 -5.67 -2.18 -32.49
N LEU A 447 -6.10 -3.30 -31.91
CA LEU A 447 -6.22 -3.41 -30.47
C LEU A 447 -4.84 -3.61 -29.85
N ILE A 448 -4.00 -4.37 -30.56
CA ILE A 448 -2.63 -4.58 -30.15
C ILE A 448 -1.85 -3.26 -30.16
N SER A 449 -2.08 -2.47 -31.20
CA SER A 449 -1.36 -1.21 -31.37
C SER A 449 -1.72 -0.17 -30.31
N VAL A 450 -3.01 -0.10 -29.97
CA VAL A 450 -3.52 0.94 -29.08
C VAL A 450 -3.25 0.62 -27.61
N PHE A 451 -2.98 -0.65 -27.31
CA PHE A 451 -2.89 -1.08 -25.92
C PHE A 451 -1.48 -1.15 -25.37
N VAL A 452 -0.49 -1.26 -26.26
CA VAL A 452 0.90 -1.33 -25.83
C VAL A 452 1.51 -0.08 -25.15
N PRO A 453 1.10 1.14 -25.56
CA PRO A 453 1.82 2.26 -24.94
C PRO A 453 1.35 2.59 -23.52
N LEU A 454 0.34 1.90 -23.03
CA LEU A 454 -0.14 2.10 -21.67
C LEU A 454 0.90 1.54 -20.69
N ALA A 455 1.78 0.70 -21.20
CA ALA A 455 2.78 0.02 -20.38
C ALA A 455 4.04 0.83 -20.18
N MET A 456 4.33 1.75 -21.10
CA MET A 456 5.59 2.49 -21.09
C MET A 456 5.68 3.58 -20.01
N PHE A 457 5.03 3.35 -18.87
CA PHE A 457 5.10 4.28 -17.75
C PHE A 457 5.77 3.62 -16.54
N SER A 458 6.63 4.38 -15.88
CA SER A 458 7.35 3.87 -14.72
C SER A 458 6.91 4.58 -13.43
N GLY A 459 6.68 3.80 -12.38
CA GLY A 459 6.22 4.33 -11.11
C GLY A 459 5.07 3.52 -10.55
N ALA A 460 4.44 4.03 -9.49
CA ALA A 460 3.31 3.35 -8.88
C ALA A 460 2.15 3.19 -9.86
N ALA A 461 1.70 4.32 -10.41
CA ALA A 461 0.67 4.30 -11.44
C ALA A 461 1.24 3.62 -12.68
N GLY A 462 2.55 3.76 -12.87
CA GLY A 462 3.25 3.13 -13.98
C GLY A 462 3.24 1.62 -13.87
N ASN A 463 3.48 1.11 -12.66
CA ASN A 463 3.43 -0.32 -12.40
C ASN A 463 2.04 -0.89 -12.71
N ILE A 464 1.03 -0.23 -12.18
CA ILE A 464 -0.35 -0.66 -12.37
C ILE A 464 -0.76 -0.57 -13.84
N TYR A 465 -0.37 0.51 -14.50
CA TYR A 465 -0.67 0.68 -15.92
C TYR A 465 0.01 -0.40 -16.76
N LYS A 466 1.30 -0.63 -16.50
CA LYS A 466 2.07 -1.60 -17.27
C LYS A 466 1.53 -3.01 -17.07
N GLN A 467 1.07 -3.30 -15.86
CA GLN A 467 0.45 -4.59 -15.57
C GLN A 467 -0.77 -4.83 -16.45
N PHE A 468 -1.76 -3.94 -16.33
CA PHE A 468 -3.00 -4.04 -17.09
C PHE A 468 -2.78 -4.09 -18.60
N ALA A 469 -1.81 -3.30 -19.09
CA ALA A 469 -1.51 -3.25 -20.51
C ALA A 469 -0.88 -4.55 -21.00
N LEU A 470 0.00 -5.13 -20.20
CA LEU A 470 0.72 -6.34 -20.59
C LEU A 470 -0.18 -7.57 -20.64
N THR A 471 -1.07 -7.69 -19.66
CA THR A 471 -1.99 -8.82 -19.59
C THR A 471 -2.98 -8.78 -20.74
N MET A 472 -3.39 -7.57 -21.10
CA MET A 472 -4.24 -7.38 -22.26
C MET A 472 -3.46 -7.78 -23.51
N ALA A 473 -2.32 -7.12 -23.72
CA ALA A 473 -1.47 -7.36 -24.88
C ALA A 473 -1.16 -8.84 -25.10
N SER A 474 -1.10 -9.60 -24.01
CA SER A 474 -0.92 -11.04 -24.11
C SER A 474 -2.21 -11.68 -24.59
N SER A 475 -3.31 -11.38 -23.90
CA SER A 475 -4.61 -11.99 -24.19
C SER A 475 -5.06 -11.76 -25.63
N ILE A 476 -4.88 -10.53 -26.13
CA ILE A 476 -5.23 -10.22 -27.51
C ILE A 476 -4.30 -10.97 -28.48
N ALA A 477 -3.04 -11.08 -28.11
CA ALA A 477 -2.06 -11.78 -28.94
C ALA A 477 -2.41 -13.25 -29.08
N PHE A 478 -2.98 -13.83 -28.03
CA PHE A 478 -3.39 -15.23 -28.07
C PHE A 478 -4.76 -15.40 -28.72
N SER A 479 -5.59 -14.36 -28.65
CA SER A 479 -6.87 -14.37 -29.33
C SER A 479 -6.64 -14.19 -30.83
N ALA A 480 -5.61 -13.44 -31.17
CA ALA A 480 -5.19 -13.27 -32.55
C ALA A 480 -4.41 -14.50 -33.00
N PHE A 481 -3.75 -15.15 -32.05
CA PHE A 481 -3.06 -16.41 -32.31
C PHE A 481 -4.11 -17.46 -32.63
N LEU A 482 -5.17 -17.48 -31.82
CA LEU A 482 -6.33 -18.33 -32.09
C LEU A 482 -6.95 -17.99 -33.43
N ALA A 483 -6.97 -16.70 -33.75
CA ALA A 483 -7.52 -16.22 -35.02
C ALA A 483 -6.78 -16.81 -36.21
N LEU A 484 -5.53 -17.21 -35.97
CA LEU A 484 -4.71 -17.85 -37.00
C LEU A 484 -4.67 -19.36 -36.76
N THR A 485 -4.70 -19.74 -35.49
CA THR A 485 -4.53 -21.15 -35.11
C THR A 485 -5.85 -21.87 -34.82
N LEU A 486 -6.51 -21.49 -33.74
CA LEU A 486 -7.67 -22.25 -33.26
C LEU A 486 -9.02 -21.85 -33.86
N THR A 487 -9.29 -20.55 -34.00
CA THR A 487 -10.56 -20.12 -34.60
C THR A 487 -10.86 -20.73 -35.98
N PRO A 488 -9.83 -21.21 -36.70
CA PRO A 488 -10.12 -22.17 -37.77
C PRO A 488 -11.01 -23.35 -37.34
N ALA A 489 -11.06 -23.69 -36.05
CA ALA A 489 -11.92 -24.76 -35.58
C ALA A 489 -13.39 -24.41 -35.68
N LEU A 490 -13.69 -23.12 -35.79
CA LEU A 490 -15.05 -22.67 -36.09
C LEU A 490 -15.46 -23.28 -37.42
N CYS A 491 -14.53 -23.24 -38.37
CA CYS A 491 -14.77 -23.79 -39.70
C CYS A 491 -14.70 -25.30 -39.66
N ALA A 492 -13.91 -25.83 -38.73
CA ALA A 492 -13.71 -27.28 -38.63
C ALA A 492 -14.85 -27.95 -37.89
N THR A 493 -15.39 -27.29 -36.87
CA THR A 493 -16.47 -27.85 -36.07
C THR A 493 -17.82 -27.34 -36.56
N GLY A 508 -38.82 -21.07 -33.87
CA GLY A 508 -40.16 -20.54 -33.66
C GLY A 508 -40.15 -19.07 -33.32
N PHE A 509 -40.20 -18.76 -32.02
CA PHE A 509 -40.19 -17.38 -31.56
C PHE A 509 -38.80 -16.76 -31.72
N PHE A 510 -37.82 -17.61 -31.99
CA PHE A 510 -36.47 -17.15 -32.30
C PHE A 510 -36.50 -16.44 -33.64
N GLY A 511 -37.31 -16.96 -34.55
CA GLY A 511 -37.47 -16.37 -35.88
C GLY A 511 -38.16 -15.02 -35.81
N TRP A 512 -38.97 -14.82 -34.76
CA TRP A 512 -39.60 -13.54 -34.51
C TRP A 512 -38.52 -12.47 -34.31
N PHE A 513 -37.49 -12.82 -33.56
CA PHE A 513 -36.38 -11.90 -33.32
C PHE A 513 -35.60 -11.61 -34.60
N ASN A 514 -35.38 -12.64 -35.41
CA ASN A 514 -34.65 -12.49 -36.66
C ASN A 514 -35.30 -11.47 -37.59
N LYS A 515 -36.63 -11.53 -37.70
CA LYS A 515 -37.37 -10.59 -38.52
C LYS A 515 -37.28 -9.19 -37.94
N LYS A 516 -37.47 -9.09 -36.62
CA LYS A 516 -37.39 -7.81 -35.92
C LYS A 516 -36.00 -7.20 -36.05
N PHE A 517 -34.97 -8.04 -36.01
CA PHE A 517 -33.60 -7.59 -36.18
C PHE A 517 -33.40 -7.11 -37.60
N ASP A 518 -33.90 -7.89 -38.56
CA ASP A 518 -33.82 -7.53 -39.97
C ASP A 518 -34.48 -6.19 -40.25
N SER A 519 -35.51 -5.88 -39.47
CA SER A 519 -36.20 -4.59 -39.58
C SER A 519 -35.30 -3.48 -39.07
N TRP A 520 -34.56 -3.77 -38.00
CA TRP A 520 -33.69 -2.79 -37.36
C TRP A 520 -32.50 -2.39 -38.23
N THR A 521 -31.93 -3.35 -38.95
CA THR A 521 -30.80 -3.05 -39.83
C THR A 521 -31.24 -2.35 -41.11
N HIS A 522 -32.47 -2.61 -41.53
CA HIS A 522 -33.04 -1.92 -42.68
C HIS A 522 -33.30 -0.46 -42.32
N GLY A 523 -33.77 -0.23 -41.11
CA GLY A 523 -33.98 1.11 -40.60
C GLY A 523 -32.66 1.80 -40.33
N TYR A 524 -31.65 1.01 -39.96
CA TYR A 524 -30.31 1.52 -39.75
C TYR A 524 -29.74 2.01 -41.08
N GLU A 525 -30.00 1.24 -42.13
CA GLU A 525 -29.56 1.63 -43.48
C GLU A 525 -30.16 2.96 -43.86
N GLY A 526 -31.45 3.12 -43.64
CA GLY A 526 -32.15 4.35 -43.95
C GLY A 526 -31.64 5.55 -43.19
N ARG A 527 -31.35 5.35 -41.90
CA ARG A 527 -30.86 6.43 -41.06
C ARG A 527 -29.43 6.84 -41.40
N VAL A 528 -28.59 5.84 -41.66
CA VAL A 528 -27.22 6.11 -42.12
C VAL A 528 -27.27 6.80 -43.48
N ALA A 529 -28.22 6.36 -44.31
CA ALA A 529 -28.46 7.00 -45.59
C ALA A 529 -28.83 8.47 -45.38
N LYS A 530 -29.63 8.73 -44.35
CA LYS A 530 -30.07 10.08 -44.03
C LYS A 530 -28.91 10.99 -43.62
N VAL A 531 -28.03 10.49 -42.75
CA VAL A 531 -26.90 11.29 -42.29
C VAL A 531 -25.89 11.52 -43.42
N LEU A 532 -25.95 10.70 -44.46
CA LEU A 532 -25.06 10.85 -45.60
C LEU A 532 -25.58 11.87 -46.61
N ARG A 533 -26.89 12.04 -46.67
CA ARG A 533 -27.49 13.08 -47.51
C ARG A 533 -27.05 14.45 -47.01
N LYS A 534 -26.93 14.56 -45.69
CA LYS A 534 -26.56 15.82 -45.04
C LYS A 534 -25.18 15.72 -44.40
N THR A 535 -24.19 15.38 -45.22
CA THR A 535 -22.82 15.18 -44.76
C THR A 535 -22.25 16.34 -43.93
N PHE A 536 -22.45 17.56 -44.41
CA PHE A 536 -21.92 18.75 -43.73
C PHE A 536 -22.49 18.92 -42.34
N ARG A 537 -23.82 18.91 -42.23
CA ARG A 537 -24.49 19.12 -40.95
C ARG A 537 -24.14 18.04 -39.95
N MET A 538 -23.90 16.83 -40.43
CA MET A 538 -23.54 15.71 -39.58
C MET A 538 -22.08 15.78 -39.12
N MET A 539 -21.27 16.50 -39.88
CA MET A 539 -19.87 16.71 -39.48
C MET A 539 -19.84 17.84 -38.46
N VAL A 540 -20.83 18.71 -38.52
CA VAL A 540 -20.97 19.79 -37.55
C VAL A 540 -21.40 19.24 -36.19
N VAL A 541 -22.44 18.41 -36.18
CA VAL A 541 -22.91 17.79 -34.95
C VAL A 541 -21.85 16.86 -34.38
N TYR A 542 -20.96 16.37 -35.24
CA TYR A 542 -19.83 15.58 -34.80
C TYR A 542 -18.86 16.43 -34.00
N ILE A 543 -18.46 17.56 -34.58
CA ILE A 543 -17.57 18.50 -33.93
C ILE A 543 -18.15 18.97 -32.60
N GLY A 544 -19.47 19.15 -32.57
CA GLY A 544 -20.17 19.49 -31.36
C GLY A 544 -20.02 18.41 -30.31
N LEU A 545 -20.16 17.16 -30.74
CA LEU A 545 -20.00 16.01 -29.84
C LEU A 545 -18.57 15.93 -29.31
N ALA A 546 -17.60 16.26 -30.16
CA ALA A 546 -16.19 16.22 -29.78
C ALA A 546 -15.86 17.30 -28.78
N VAL A 547 -16.32 18.53 -29.06
CA VAL A 547 -16.09 19.66 -28.17
C VAL A 547 -16.72 19.41 -26.79
N VAL A 548 -17.98 18.98 -26.78
CA VAL A 548 -18.67 18.63 -25.55
C VAL A 548 -17.90 17.55 -24.80
N GLY A 549 -17.34 16.59 -25.54
CA GLY A 549 -16.58 15.51 -24.96
C GLY A 549 -15.36 15.97 -24.19
N VAL A 550 -14.54 16.81 -24.83
CA VAL A 550 -13.31 17.29 -24.20
C VAL A 550 -13.62 18.17 -22.98
N PHE A 551 -14.68 18.98 -23.09
CA PHE A 551 -15.09 19.85 -21.99
C PHE A 551 -15.65 19.04 -20.83
N LEU A 552 -16.49 18.06 -21.13
CA LEU A 552 -17.10 17.21 -20.11
C LEU A 552 -16.00 16.39 -19.41
N PHE A 553 -14.97 16.05 -20.16
CA PHE A 553 -13.84 15.29 -19.63
C PHE A 553 -13.03 16.11 -18.64
N MET A 554 -12.62 17.31 -19.06
CA MET A 554 -11.77 18.17 -18.25
C MET A 554 -12.50 18.77 -17.04
N ARG A 555 -13.81 18.62 -16.99
CA ARG A 555 -14.59 19.09 -15.85
C ARG A 555 -14.66 18.02 -14.74
N LEU A 556 -14.19 16.82 -15.07
CA LEU A 556 -14.17 15.73 -14.09
C LEU A 556 -13.08 15.93 -13.05
N PRO A 557 -13.33 15.49 -11.81
CA PRO A 557 -12.33 15.51 -10.75
C PRO A 557 -11.22 14.50 -11.04
N THR A 558 -10.07 14.65 -10.38
CA THR A 558 -8.95 13.73 -10.60
C THR A 558 -8.48 13.08 -9.31
N SER A 559 -8.24 11.77 -9.36
CA SER A 559 -7.72 11.04 -8.21
C SER A 559 -6.83 9.89 -8.64
N PHE A 560 -6.25 9.20 -7.67
CA PHE A 560 -5.40 8.05 -7.92
C PHE A 560 -6.28 6.80 -7.98
N LEU A 561 -6.52 6.23 -6.81
CA LEU A 561 -7.51 5.17 -6.66
C LEU A 561 -8.64 5.70 -5.79
N PRO A 562 -9.88 5.23 -6.05
CA PRO A 562 -10.99 5.67 -5.20
C PRO A 562 -10.89 5.06 -3.80
N THR A 563 -10.98 5.90 -2.77
CA THR A 563 -10.96 5.42 -1.40
C THR A 563 -12.12 4.47 -1.17
N GLU A 564 -11.81 3.19 -1.07
CA GLU A 564 -12.82 2.15 -0.99
C GLU A 564 -12.85 1.45 0.37
N ASP A 565 -13.91 0.69 0.60
CA ASP A 565 -14.10 0.02 1.88
C ASP A 565 -13.13 -1.14 2.09
N GLN A 566 -12.15 -0.94 2.96
CA GLN A 566 -11.28 -2.01 3.40
C GLN A 566 -11.98 -2.76 4.53
N GLY A 567 -11.30 -3.74 5.12
CA GLY A 567 -11.91 -4.53 6.18
C GLY A 567 -12.07 -3.78 7.48
N PHE A 568 -11.40 -2.64 7.61
CA PHE A 568 -11.33 -1.93 8.88
C PHE A 568 -11.40 -0.42 8.73
N VAL A 569 -11.29 0.28 9.86
CA VAL A 569 -11.12 1.72 9.89
C VAL A 569 -10.10 2.06 10.98
N MET A 570 -9.27 3.06 10.74
CA MET A 570 -8.20 3.40 11.68
C MET A 570 -8.47 4.69 12.46
N VAL A 571 -8.57 4.56 13.77
CA VAL A 571 -8.74 5.71 14.65
C VAL A 571 -7.44 6.00 15.40
N SER A 572 -7.03 7.26 15.42
CA SER A 572 -5.82 7.66 16.14
C SER A 572 -6.18 8.56 17.34
N VAL A 573 -5.41 8.41 18.41
CA VAL A 573 -5.68 9.16 19.64
C VAL A 573 -4.48 10.00 20.07
N GLN A 574 -4.68 11.32 20.13
CA GLN A 574 -3.63 12.24 20.56
C GLN A 574 -4.04 12.93 21.87
N LEU A 575 -3.20 12.80 22.88
CA LEU A 575 -3.48 13.39 24.19
C LEU A 575 -2.59 14.60 24.42
N PRO A 576 -3.19 15.72 24.88
CA PRO A 576 -2.47 16.95 25.26
C PRO A 576 -1.17 16.69 26.01
N ALA A 577 -0.18 17.55 25.78
CA ALA A 577 1.18 17.38 26.31
C ALA A 577 1.22 17.12 27.81
N GLY A 578 2.26 16.43 28.25
CA GLY A 578 2.40 16.05 29.64
C GLY A 578 1.45 14.94 29.99
N ALA A 579 1.14 14.10 29.00
CA ALA A 579 0.22 13.00 29.21
C ALA A 579 0.95 11.75 29.67
N THR A 580 0.20 10.85 30.32
CA THR A 580 0.77 9.60 30.80
C THR A 580 -0.14 8.42 30.47
N LYS A 581 0.39 7.21 30.66
CA LYS A 581 -0.29 5.98 30.27
C LYS A 581 -1.68 5.83 30.90
N GLU A 582 -1.85 6.40 32.09
CA GLU A 582 -3.13 6.31 32.79
C GLU A 582 -4.21 7.08 32.05
N ARG A 583 -3.92 8.32 31.71
CA ARG A 583 -4.87 9.18 31.01
C ARG A 583 -5.07 8.69 29.58
N THR A 584 -4.03 8.10 29.01
CA THR A 584 -4.08 7.60 27.64
C THR A 584 -4.96 6.36 27.53
N ASP A 585 -4.81 5.44 28.47
CA ASP A 585 -5.63 4.23 28.51
C ASP A 585 -7.05 4.56 28.93
N ALA A 586 -7.24 5.74 29.53
CA ALA A 586 -8.57 6.22 29.88
C ALA A 586 -9.29 6.67 28.61
N THR A 587 -8.58 7.43 27.78
CA THR A 587 -9.12 7.88 26.50
C THR A 587 -9.37 6.70 25.57
N LEU A 588 -8.43 5.76 25.55
CA LEU A 588 -8.56 4.55 24.75
C LEU A 588 -9.74 3.70 25.22
N ALA A 589 -10.01 3.74 26.52
CA ALA A 589 -11.14 3.02 27.09
C ALA A 589 -12.45 3.60 26.56
N GLN A 590 -12.50 4.93 26.47
CA GLN A 590 -13.66 5.61 25.92
C GLN A 590 -13.83 5.31 24.44
N VAL A 591 -12.70 5.22 23.74
CA VAL A 591 -12.70 4.87 22.33
C VAL A 591 -13.29 3.48 22.11
N THR A 592 -12.84 2.52 22.90
CA THR A 592 -13.33 1.14 22.81
C THR A 592 -14.83 1.08 23.12
N GLN A 593 -15.28 1.92 24.04
CA GLN A 593 -16.69 2.01 24.38
C GLN A 593 -17.50 2.48 23.19
N LEU A 594 -17.04 3.55 22.56
CA LEU A 594 -17.75 4.13 21.42
C LEU A 594 -17.72 3.21 20.21
N ALA A 595 -16.60 2.50 20.04
CA ALA A 595 -16.47 1.57 18.92
C ALA A 595 -17.38 0.37 19.10
N LYS A 596 -17.61 -0.01 20.35
CA LYS A 596 -18.50 -1.13 20.65
C LYS A 596 -19.94 -0.68 20.75
N SER A 597 -20.19 0.59 20.43
CA SER A 597 -21.54 1.10 20.32
C SER A 597 -21.96 1.08 18.85
N ILE A 598 -21.05 0.59 18.01
CA ILE A 598 -21.28 0.50 16.57
C ILE A 598 -21.34 -0.96 16.14
N PRO A 599 -22.52 -1.40 15.64
CA PRO A 599 -22.74 -2.79 15.24
C PRO A 599 -21.93 -3.23 14.02
N GLU A 600 -21.48 -2.30 13.20
CA GLU A 600 -20.67 -2.64 12.03
C GLU A 600 -19.32 -3.19 12.45
N ILE A 601 -18.79 -2.68 13.56
CA ILE A 601 -17.47 -3.05 14.04
C ILE A 601 -17.48 -4.38 14.80
N GLU A 602 -16.71 -5.34 14.30
CA GLU A 602 -16.61 -6.65 14.93
C GLU A 602 -15.61 -6.62 16.09
N ASN A 603 -14.36 -6.31 15.78
CA ASN A 603 -13.31 -6.21 16.78
C ASN A 603 -12.58 -4.88 16.75
N ILE A 604 -12.13 -4.43 17.91
CA ILE A 604 -11.31 -3.23 18.00
C ILE A 604 -10.00 -3.54 18.73
N ILE A 605 -8.90 -3.04 18.17
CA ILE A 605 -7.58 -3.23 18.79
C ILE A 605 -6.96 -1.88 19.14
N THR A 606 -6.93 -1.59 20.44
CA THR A 606 -6.35 -0.34 20.93
C THR A 606 -4.90 -0.55 21.36
N VAL A 607 -4.03 0.34 20.90
CA VAL A 607 -2.61 0.26 21.25
C VAL A 607 -2.10 1.60 21.78
N SER A 608 -1.64 1.59 23.03
CA SER A 608 -1.12 2.81 23.66
C SER A 608 0.40 2.86 23.51
N GLY A 609 0.91 4.05 23.20
CA GLY A 609 2.35 4.23 23.07
C GLY A 609 2.79 4.61 21.67
N PHE A 610 1.89 4.47 20.70
CA PHE A 610 2.24 4.76 19.32
C PHE A 610 1.10 5.38 18.52
N SER A 611 1.45 6.30 17.63
CA SER A 611 0.52 6.88 16.67
C SER A 611 1.28 7.17 15.38
N PHE A 612 0.56 7.56 14.34
CA PHE A 612 1.19 7.87 13.06
C PHE A 612 2.13 9.07 13.18
N SER A 613 1.81 9.98 14.09
CA SER A 613 2.60 11.18 14.29
C SER A 613 3.92 10.87 14.98
N GLY A 614 3.85 10.15 16.10
CA GLY A 614 5.03 9.80 16.85
C GLY A 614 4.75 8.81 17.97
N SER A 615 5.66 8.74 18.93
CA SER A 615 5.51 7.83 20.06
C SER A 615 5.64 8.55 21.40
N GLY A 616 5.17 7.90 22.46
CA GLY A 616 5.20 8.47 23.79
C GLY A 616 4.03 7.99 24.63
N GLN A 617 3.79 8.66 25.75
CA GLN A 617 2.69 8.29 26.63
C GLN A 617 1.39 8.91 26.14
N ASN A 618 1.52 10.01 25.40
CA ASN A 618 0.37 10.72 24.86
C ASN A 618 -0.15 10.12 23.56
N MET A 619 0.68 9.32 22.92
CA MET A 619 0.36 8.76 21.62
C MET A 619 -0.36 7.41 21.73
N ALA A 620 -1.44 7.27 20.98
CA ALA A 620 -2.20 6.03 20.95
C ALA A 620 -3.00 5.93 19.66
N MET A 621 -3.27 4.70 19.22
CA MET A 621 -4.06 4.50 18.01
C MET A 621 -4.83 3.18 18.09
N GLY A 622 -6.02 3.17 17.48
CA GLY A 622 -6.86 1.99 17.50
C GLY A 622 -7.24 1.49 16.13
N PHE A 623 -7.33 0.17 15.98
CA PHE A 623 -7.76 -0.43 14.73
C PHE A 623 -9.14 -1.05 14.90
N ALA A 624 -10.17 -0.34 14.45
CA ALA A 624 -11.53 -0.85 14.53
C ALA A 624 -11.87 -1.67 13.29
N ILE A 625 -11.65 -2.98 13.37
CA ILE A 625 -11.95 -3.87 12.26
C ILE A 625 -13.46 -4.14 12.22
N PHE A 626 -14.00 -4.31 11.02
CA PHE A 626 -15.43 -4.44 10.83
C PHE A 626 -15.91 -5.88 10.81
N LYS A 627 -17.23 -6.04 10.69
CA LYS A 627 -17.84 -7.33 10.46
C LYS A 627 -17.73 -7.60 8.96
N ASP A 628 -18.25 -8.73 8.50
CA ASP A 628 -18.16 -9.09 7.09
C ASP A 628 -18.85 -8.05 6.20
N TRP A 629 -18.42 -7.97 4.95
CA TRP A 629 -18.96 -7.00 4.00
C TRP A 629 -20.43 -7.26 3.70
N ASN A 630 -20.83 -8.53 3.77
CA ASN A 630 -22.17 -8.94 3.41
C ASN A 630 -23.25 -8.40 4.35
N GLU A 631 -22.88 -8.24 5.62
CA GLU A 631 -23.83 -7.76 6.62
C GLU A 631 -23.96 -6.23 6.61
N ARG A 632 -22.85 -5.55 6.37
CA ARG A 632 -22.83 -4.09 6.38
C ARG A 632 -23.36 -3.50 5.07
N THR A 633 -24.58 -3.88 4.71
CA THR A 633 -25.18 -3.42 3.46
C THR A 633 -26.35 -2.47 3.70
N ALA A 634 -26.04 -1.26 4.13
CA ALA A 634 -27.04 -0.22 4.33
C ALA A 634 -26.35 1.14 4.26
N SER A 635 -27.10 2.16 3.89
CA SER A 635 -26.55 3.52 3.82
C SER A 635 -26.10 3.97 5.20
N GLY A 636 -24.79 4.11 5.39
CA GLY A 636 -24.24 4.50 6.66
C GLY A 636 -23.41 3.40 7.29
N SER A 637 -23.12 2.37 6.51
CA SER A 637 -22.35 1.23 6.99
C SER A 637 -21.00 1.12 6.28
N ASP A 638 -20.77 1.97 5.28
CA ASP A 638 -19.49 2.03 4.59
C ASP A 638 -18.40 2.48 5.57
N ALA A 639 -17.17 2.11 5.28
CA ALA A 639 -16.03 2.40 6.16
C ALA A 639 -15.91 3.90 6.45
N VAL A 640 -16.26 4.72 5.47
CA VAL A 640 -16.20 6.17 5.63
C VAL A 640 -17.30 6.68 6.55
N ALA A 641 -18.44 6.00 6.51
CA ALA A 641 -19.58 6.40 7.33
C ALA A 641 -19.36 6.11 8.80
N VAL A 642 -18.84 4.91 9.10
CA VAL A 642 -18.52 4.55 10.47
C VAL A 642 -17.38 5.42 10.98
N ALA A 643 -16.42 5.72 10.10
CA ALA A 643 -15.32 6.62 10.42
C ALA A 643 -15.86 7.99 10.83
N GLY A 644 -16.84 8.48 10.07
CA GLY A 644 -17.44 9.76 10.35
C GLY A 644 -18.29 9.74 11.60
N LYS A 645 -19.00 8.63 11.81
CA LYS A 645 -19.85 8.48 12.98
C LYS A 645 -19.01 8.34 14.26
N LEU A 646 -17.95 7.54 14.18
CA LEU A 646 -17.07 7.33 15.31
C LEU A 646 -16.31 8.60 15.70
N THR A 647 -15.79 9.29 14.70
CA THR A 647 -15.09 10.55 14.90
C THR A 647 -16.01 11.58 15.53
N GLY A 648 -17.26 11.62 15.05
CA GLY A 648 -18.26 12.52 15.60
C GLY A 648 -18.58 12.19 17.04
N MET A 649 -18.65 10.90 17.34
CA MET A 649 -18.91 10.43 18.70
C MET A 649 -17.77 10.83 19.65
N MET A 650 -16.53 10.63 19.19
CA MET A 650 -15.37 10.97 19.99
C MET A 650 -15.26 12.48 20.19
N MET A 651 -15.37 13.24 19.11
CA MET A 651 -15.31 14.70 19.21
C MET A 651 -16.36 15.28 20.14
N GLY A 652 -17.39 14.48 20.44
CA GLY A 652 -18.45 14.91 21.32
C GLY A 652 -18.33 14.40 22.75
N THR A 653 -17.83 13.18 22.90
CA THR A 653 -17.81 12.54 24.23
C THR A 653 -16.41 12.26 24.78
N LEU A 654 -15.42 12.14 23.90
CA LEU A 654 -14.07 11.82 24.33
C LEU A 654 -13.47 12.94 25.17
N LYS A 655 -13.15 12.63 26.42
CA LYS A 655 -12.55 13.59 27.33
C LYS A 655 -11.03 13.43 27.34
N ASP A 656 -10.32 14.55 27.43
CA ASP A 656 -8.87 14.57 27.58
C ASP A 656 -8.15 13.94 26.38
N GLY A 657 -8.61 14.26 25.17
CA GLY A 657 -7.96 13.73 23.98
C GLY A 657 -8.59 14.09 22.64
N PHE A 658 -7.73 14.35 21.66
CA PHE A 658 -8.15 14.58 20.29
C PHE A 658 -8.12 13.24 19.56
N GLY A 659 -9.29 12.70 19.26
CA GLY A 659 -9.39 11.42 18.59
C GLY A 659 -10.18 11.48 17.29
N ILE A 660 -9.58 11.00 16.21
CA ILE A 660 -10.23 11.00 14.91
C ILE A 660 -10.04 9.66 14.18
N ALA A 661 -11.10 9.21 13.52
CA ALA A 661 -11.04 7.95 12.77
C ALA A 661 -10.90 8.22 11.27
N VAL A 662 -9.91 7.58 10.65
CA VAL A 662 -9.65 7.78 9.23
C VAL A 662 -9.66 6.46 8.45
N VAL A 663 -9.91 6.55 7.15
CA VAL A 663 -9.94 5.37 6.29
C VAL A 663 -8.62 5.16 5.56
N PRO A 664 -8.16 3.90 5.49
CA PRO A 664 -6.89 3.55 4.85
C PRO A 664 -6.96 3.66 3.33
N PRO A 665 -5.90 4.21 2.72
CA PRO A 665 -5.80 4.28 1.26
C PRO A 665 -5.71 2.89 0.65
N PRO A 666 -6.24 2.72 -0.57
CA PRO A 666 -6.29 1.41 -1.24
C PRO A 666 -4.93 0.73 -1.42
N ILE A 667 -4.02 1.34 -2.16
CA ILE A 667 -2.78 0.65 -2.52
C ILE A 667 -1.47 1.31 -2.09
N LEU A 668 -1.15 2.46 -2.69
CA LEU A 668 0.19 3.04 -2.65
C LEU A 668 0.88 3.05 -1.28
N GLU A 669 0.15 3.41 -0.23
CA GLU A 669 0.74 3.44 1.11
C GLU A 669 1.08 2.04 1.61
N LEU A 670 0.19 1.09 1.34
CA LEU A 670 0.40 -0.29 1.75
C LEU A 670 1.57 -0.91 1.00
N GLY A 673 -6.15 8.61 4.71
CA GLY A 673 -5.83 10.02 4.86
C GLY A 673 -5.10 10.58 3.66
N SER A 674 -5.18 11.90 3.48
CA SER A 674 -4.52 12.56 2.36
C SER A 674 -3.19 13.17 2.81
N GLY A 675 -2.09 12.56 2.37
CA GLY A 675 -0.77 12.99 2.77
C GLY A 675 -0.25 14.19 2.01
N LEU A 676 0.17 15.21 2.74
CA LEU A 676 0.79 16.39 2.15
C LEU A 676 2.00 16.80 2.98
N SER A 677 3.18 16.34 2.57
CA SER A 677 4.38 16.55 3.35
C SER A 677 5.29 17.65 2.82
N ILE A 678 5.20 18.82 3.42
CA ILE A 678 6.23 19.84 3.23
C ILE A 678 7.27 19.62 4.31
N ASN A 679 8.54 19.82 3.97
CA ASN A 679 9.60 19.71 4.97
C ASN A 679 10.43 20.99 5.01
N LEU A 680 9.96 21.95 5.78
CA LEU A 680 10.62 23.25 5.88
C LEU A 680 11.91 23.15 6.67
N GLN A 681 13.03 23.14 5.95
CA GLN A 681 14.34 23.05 6.58
C GLN A 681 14.98 24.44 6.68
N ASP A 682 15.81 24.64 7.69
CA ASP A 682 16.61 25.86 7.76
C ASP A 682 17.98 25.59 7.18
N ARG A 683 18.33 26.33 6.14
CA ARG A 683 19.64 26.16 5.51
C ARG A 683 20.65 27.19 6.03
N ASN A 684 20.40 27.64 7.25
CA ASN A 684 21.35 28.41 8.04
C ASN A 684 21.27 27.93 9.47
N ASN A 685 22.37 28.00 10.20
CA ASN A 685 22.38 27.56 11.59
C ASN A 685 21.70 28.53 12.54
N THR A 686 20.39 28.70 12.36
CA THR A 686 19.61 29.55 13.25
C THR A 686 18.93 28.67 14.29
N GLY A 687 18.51 29.27 15.40
CA GLY A 687 17.89 28.55 16.49
C GLY A 687 16.65 27.78 16.08
N HIS A 688 16.45 26.61 16.70
CA HIS A 688 15.28 25.77 16.44
C HIS A 688 13.99 26.52 16.72
N THR A 689 14.03 27.42 17.68
CA THR A 689 12.88 28.26 18.02
C THR A 689 12.50 29.16 16.86
N ALA A 690 13.51 29.66 16.15
CA ALA A 690 13.29 30.55 15.01
C ALA A 690 12.80 29.78 13.79
N LEU A 691 13.23 28.53 13.66
CA LEU A 691 12.83 27.69 12.55
C LEU A 691 11.37 27.26 12.69
N LEU A 692 10.96 26.97 13.91
CA LEU A 692 9.57 26.58 14.17
C LEU A 692 8.65 27.79 14.22
N ALA A 693 9.21 28.96 14.47
CA ALA A 693 8.47 30.20 14.40
C ALA A 693 8.25 30.57 12.94
N LYS A 694 9.23 30.22 12.11
CA LYS A 694 9.12 30.42 10.67
C LYS A 694 8.28 29.32 10.05
N ARG A 695 8.21 28.18 10.73
CA ARG A 695 7.34 27.09 10.31
C ARG A 695 5.90 27.55 10.46
N ASN A 696 5.58 28.08 11.63
CA ASN A 696 4.25 28.61 11.91
C ASN A 696 3.97 29.81 11.04
N GLU A 697 5.02 30.55 10.67
CA GLU A 697 4.89 31.67 9.77
C GLU A 697 4.49 31.20 8.38
N LEU A 698 5.11 30.12 7.93
CA LEU A 698 4.78 29.53 6.64
C LEU A 698 3.35 28.99 6.68
N ILE A 699 3.01 28.32 7.77
CA ILE A 699 1.67 27.78 7.97
C ILE A 699 0.60 28.88 7.97
N GLN A 700 0.84 29.93 8.76
CA GLN A 700 -0.11 31.02 8.89
C GLN A 700 -0.33 31.75 7.56
N LYS A 701 0.76 32.07 6.88
CA LYS A 701 0.69 32.82 5.63
C LYS A 701 0.09 31.98 4.50
N MET A 702 0.20 30.66 4.64
CA MET A 702 -0.40 29.74 3.65
C MET A 702 -1.88 29.55 3.90
N ARG A 703 -2.31 29.73 5.15
CA ARG A 703 -3.72 29.66 5.49
C ARG A 703 -4.41 30.96 5.06
N ALA A 704 -3.72 32.07 5.26
CA ALA A 704 -4.25 33.38 4.90
C ALA A 704 -4.36 33.55 3.39
N SER A 705 -3.46 32.89 2.66
CA SER A 705 -3.46 32.96 1.20
C SER A 705 -4.45 31.95 0.61
N GLY A 706 -5.02 32.30 -0.53
CA GLY A 706 -5.97 31.43 -1.22
C GLY A 706 -5.27 30.48 -2.18
N LEU A 707 -4.01 30.77 -2.48
CA LEU A 707 -3.21 29.92 -3.35
C LEU A 707 -3.06 28.54 -2.72
N PHE A 708 -2.87 28.53 -1.41
CA PHE A 708 -2.82 27.30 -0.63
C PHE A 708 -4.17 27.15 0.03
N ASP A 709 -5.12 26.56 -0.70
CA ASP A 709 -6.52 26.48 -0.29
C ASP A 709 -6.70 26.04 1.15
N PRO A 710 -7.51 26.80 1.91
CA PRO A 710 -7.78 26.62 3.33
C PRO A 710 -8.18 25.20 3.73
N SER A 711 -8.23 24.96 5.04
CA SER A 711 -8.40 23.62 5.61
C SER A 711 -7.17 22.75 5.32
N THR A 712 -7.16 21.55 5.91
CA THR A 712 -6.04 20.62 5.78
C THR A 712 -4.74 21.25 6.27
N VAL A 713 -4.84 22.19 7.19
CA VAL A 713 -3.66 22.84 7.75
C VAL A 713 -3.34 22.36 9.16
N ARG A 714 -2.25 21.61 9.26
CA ARG A 714 -1.80 21.01 10.52
C ARG A 714 -0.32 20.72 10.45
N ALA A 715 0.42 21.13 11.48
CA ALA A 715 1.85 20.86 11.54
C ALA A 715 2.10 19.41 11.91
N GLY A 716 2.66 18.65 10.97
CA GLY A 716 2.95 17.24 11.18
C GLY A 716 4.20 17.04 12.00
N GLY A 717 4.19 16.01 12.85
CA GLY A 717 5.32 15.71 13.71
C GLY A 717 4.88 15.17 15.05
N LEU A 718 5.03 15.99 16.10
CA LEU A 718 4.61 15.60 17.44
C LEU A 718 4.20 16.81 18.26
N GLU A 719 4.55 16.79 19.55
CA GLU A 719 4.10 17.83 20.47
C GLU A 719 5.24 18.62 21.10
N ASP A 720 4.91 19.82 21.56
CA ASP A 720 5.80 20.60 22.40
C ASP A 720 5.43 20.29 23.85
N SER A 721 6.43 20.09 24.70
CA SER A 721 6.16 19.71 26.09
C SER A 721 7.03 20.49 27.07
N PRO A 722 6.48 20.76 28.27
CA PRO A 722 7.24 21.38 29.36
C PRO A 722 8.30 20.43 29.91
N GLN A 723 9.56 20.81 29.82
CA GLN A 723 10.66 19.96 30.28
C GLN A 723 11.38 20.58 31.48
N LEU A 724 12.11 19.75 32.21
CA LEU A 724 12.96 20.23 33.30
C LEU A 724 14.37 20.47 32.79
N LYS A 725 14.98 21.56 33.23
CA LYS A 725 16.33 21.90 32.77
C LYS A 725 17.29 22.09 33.94
N ILE A 726 18.18 21.12 34.12
CA ILE A 726 19.13 21.13 35.22
C ILE A 726 20.39 21.92 34.88
N ASP A 727 20.46 23.15 35.38
CA ASP A 727 21.65 23.98 35.20
C ASP A 727 22.71 23.62 36.23
N ILE A 728 23.89 23.22 35.75
CA ILE A 728 24.99 22.84 36.63
C ILE A 728 26.21 23.72 36.40
N ASN A 729 26.41 24.69 37.29
CA ASN A 729 27.60 25.52 37.22
C ASN A 729 28.85 24.72 37.59
N ARG A 730 29.88 24.80 36.77
CA ARG A 730 31.11 24.06 37.02
C ARG A 730 31.91 24.62 38.19
N ALA A 731 31.50 25.79 38.69
CA ALA A 731 32.10 26.37 39.87
C ALA A 731 31.83 25.49 41.09
N ALA A 732 30.63 24.94 41.15
CA ALA A 732 30.25 24.05 42.24
C ALA A 732 30.98 22.72 42.12
N ALA A 733 31.15 22.25 40.89
CA ALA A 733 31.86 21.00 40.62
C ALA A 733 33.33 21.13 40.99
N ALA A 734 33.87 22.35 40.86
CA ALA A 734 35.27 22.60 41.16
C ALA A 734 35.49 22.83 42.65
N ALA A 735 34.50 23.43 43.30
CA ALA A 735 34.59 23.72 44.73
C ALA A 735 34.54 22.45 45.57
N GLN A 736 33.37 21.81 45.61
CA GLN A 736 33.20 20.60 46.41
C GLN A 736 32.51 19.50 45.59
N GLY A 737 32.21 19.82 44.34
CA GLY A 737 31.42 18.94 43.50
C GLY A 737 32.12 17.71 42.97
N ILE A 738 31.44 17.01 42.06
CA ILE A 738 31.91 15.76 41.51
C ILE A 738 32.06 15.90 40.00
N SER A 739 32.81 14.99 39.38
CA SER A 739 32.97 14.96 37.93
C SER A 739 31.62 14.81 37.24
N PHE A 740 31.50 15.39 36.04
CA PHE A 740 30.26 15.34 35.26
C PHE A 740 29.83 13.91 34.96
N ALA A 741 30.80 13.00 34.88
CA ALA A 741 30.52 11.60 34.58
C ALA A 741 29.64 10.96 35.65
N ASP A 742 29.95 11.21 36.91
CA ASP A 742 29.18 10.66 38.02
C ASP A 742 27.78 11.27 38.06
N ILE A 743 27.67 12.53 37.65
CA ILE A 743 26.38 13.19 37.58
C ILE A 743 25.53 12.54 36.49
N ARG A 744 26.17 12.16 35.39
CA ARG A 744 25.50 11.46 34.30
C ARG A 744 25.00 10.09 34.77
N THR A 745 25.87 9.36 35.46
CA THR A 745 25.51 8.04 35.99
C THR A 745 24.33 8.15 36.95
N ALA A 746 24.32 9.20 37.76
CA ALA A 746 23.26 9.41 38.73
C ALA A 746 21.91 9.63 38.04
N LEU A 747 21.83 10.67 37.22
CA LEU A 747 20.59 11.02 36.54
C LEU A 747 20.09 9.91 35.61
N ALA A 748 21.00 9.29 34.88
CA ALA A 748 20.63 8.24 33.92
C ALA A 748 20.08 6.99 34.61
N SER A 749 20.78 6.53 35.65
CA SER A 749 20.40 5.30 36.33
C SER A 749 19.21 5.50 37.27
N ALA A 750 18.94 6.75 37.64
CA ALA A 750 17.84 7.04 38.55
C ALA A 750 16.55 7.37 37.82
N LEU A 751 16.65 7.67 36.53
CA LEU A 751 15.47 8.08 35.77
C LEU A 751 15.12 7.14 34.62
N SER A 752 16.13 6.70 33.87
CA SER A 752 15.89 5.93 32.67
C SER A 752 16.51 4.54 32.69
N SER A 753 16.73 4.00 33.89
CA SER A 753 17.32 2.67 34.08
C SER A 753 18.74 2.53 33.53
N SER A 754 19.41 1.47 33.94
CA SER A 754 20.77 1.20 33.49
C SER A 754 20.99 -0.28 33.21
N TYR A 755 21.44 -0.57 32.00
CA TYR A 755 21.72 -1.95 31.58
C TYR A 755 23.07 -2.38 32.15
N VAL A 756 23.05 -3.38 33.03
CA VAL A 756 24.27 -3.76 33.76
C VAL A 756 24.92 -5.03 33.24
N SER A 757 24.13 -6.09 33.03
CA SER A 757 24.68 -7.35 32.53
C SER A 757 23.60 -8.29 31.97
N ASP A 758 24.00 -9.52 31.69
CA ASP A 758 23.08 -10.55 31.21
C ASP A 758 22.96 -11.67 32.25
N PHE A 759 21.76 -12.24 32.36
CA PHE A 759 21.52 -13.33 33.31
C PHE A 759 20.76 -14.48 32.65
N PRO A 760 21.09 -15.73 33.03
CA PRO A 760 20.46 -16.91 32.45
C PRO A 760 19.05 -17.14 32.99
N ASN A 761 18.04 -16.94 32.14
CA ASN A 761 16.65 -17.13 32.54
C ASN A 761 15.93 -18.20 31.70
N GLN A 762 15.66 -19.33 32.34
CA GLN A 762 14.90 -20.42 31.71
C GLN A 762 15.50 -20.85 30.37
N GLY A 763 16.82 -20.87 30.28
CA GLY A 763 17.50 -21.28 29.07
C GLY A 763 17.60 -20.17 28.03
N ARG A 764 17.73 -18.93 28.49
CA ARG A 764 17.84 -17.79 27.60
C ARG A 764 18.46 -16.59 28.30
N LEU A 765 19.53 -16.06 27.71
CA LEU A 765 20.24 -14.91 28.29
C LEU A 765 19.42 -13.63 28.15
N GLN A 766 18.85 -13.17 29.26
CA GLN A 766 18.02 -11.97 29.27
C GLN A 766 18.76 -10.79 29.89
N ARG A 767 18.05 -9.67 30.05
CA ARG A 767 18.66 -8.45 30.56
C ARG A 767 18.42 -8.24 32.05
N VAL A 768 19.39 -7.64 32.74
CA VAL A 768 19.19 -7.16 34.10
C VAL A 768 19.32 -5.64 34.11
N MET A 769 18.29 -4.95 34.61
CA MET A 769 18.24 -3.51 34.55
C MET A 769 17.96 -2.88 35.90
N VAL A 770 18.70 -1.82 36.22
CA VAL A 770 18.54 -1.12 37.50
C VAL A 770 17.92 0.26 37.29
N GLN A 771 16.82 0.51 37.97
CA GLN A 771 16.14 1.78 37.88
C GLN A 771 15.61 2.20 39.24
N ALA A 772 15.59 3.50 39.51
CA ALA A 772 15.11 4.00 40.79
C ALA A 772 13.61 3.75 40.94
N ASP A 773 13.15 3.71 42.18
CA ASP A 773 11.75 3.40 42.48
C ASP A 773 10.79 4.43 41.88
N GLU A 774 9.53 4.06 41.77
CA GLU A 774 8.50 4.96 41.24
C GLU A 774 8.37 6.19 42.11
N ASP A 775 8.49 6.00 43.42
CA ASP A 775 8.30 7.08 44.39
C ASP A 775 9.34 8.20 44.23
N ALA A 776 10.45 7.87 43.58
CA ALA A 776 11.53 8.84 43.40
C ALA A 776 11.47 9.55 42.05
N ARG A 777 11.70 8.79 40.98
CA ARG A 777 11.85 9.34 39.64
C ARG A 777 10.57 9.88 39.02
N MET A 778 9.66 10.39 39.84
CA MET A 778 8.37 10.87 39.33
C MET A 778 7.97 12.23 39.90
N GLN A 779 8.56 12.60 41.03
CA GLN A 779 8.36 13.94 41.57
C GLN A 779 9.37 14.88 40.94
N PRO A 780 8.90 16.02 40.42
CA PRO A 780 9.77 17.00 39.75
C PRO A 780 10.83 17.56 40.69
N ALA A 781 10.48 17.74 41.96
CA ALA A 781 11.40 18.28 42.95
C ALA A 781 12.36 17.20 43.45
N ASP A 782 11.97 15.94 43.28
CA ASP A 782 12.77 14.80 43.76
C ASP A 782 14.08 14.66 42.98
N ILE A 783 14.13 15.25 41.79
CA ILE A 783 15.31 15.17 40.93
C ILE A 783 16.58 15.61 41.64
N LEU A 784 16.48 16.70 42.39
CA LEU A 784 17.63 17.24 43.11
C LEU A 784 17.97 16.39 44.33
N ASN A 785 16.99 15.64 44.83
CA ASN A 785 17.17 14.88 46.06
C ASN A 785 18.11 13.68 45.94
N LEU A 786 18.32 13.20 44.71
CA LEU A 786 19.27 12.12 44.48
C LEU A 786 20.68 12.56 44.87
N THR A 787 21.38 11.71 45.62
CA THR A 787 22.69 12.06 46.13
C THR A 787 23.82 11.45 45.30
N VAL A 788 24.50 12.30 44.55
CA VAL A 788 25.65 11.88 43.76
C VAL A 788 26.86 11.62 44.65
N PRO A 789 27.65 10.59 44.33
CA PRO A 789 28.84 10.25 45.12
C PRO A 789 30.00 11.22 44.89
N ASN A 790 30.31 12.03 45.89
CA ASN A 790 31.44 12.96 45.79
C ASN A 790 32.75 12.18 45.80
N LYS A 791 33.84 12.85 45.41
CA LYS A 791 35.14 12.19 45.28
C LYS A 791 35.61 11.52 46.57
N SER A 792 35.23 12.09 47.70
CA SER A 792 35.67 11.58 49.00
C SER A 792 34.70 10.58 49.61
N GLY A 793 33.83 10.01 48.78
CA GLY A 793 32.86 9.03 49.25
C GLY A 793 31.67 9.67 49.95
N VAL A 794 31.44 10.94 49.64
CA VAL A 794 30.33 11.68 50.23
C VAL A 794 29.14 11.72 49.28
N ALA A 795 27.93 11.56 49.83
CA ALA A 795 26.72 11.62 49.03
C ALA A 795 26.08 13.01 49.12
N VAL A 796 26.17 13.76 48.02
CA VAL A 796 25.70 15.14 47.99
C VAL A 796 24.55 15.31 47.00
N PRO A 797 23.42 15.88 47.47
CA PRO A 797 22.23 16.15 46.65
C PRO A 797 22.50 17.20 45.57
N LEU A 798 21.74 17.14 44.49
CA LEU A 798 21.87 18.12 43.41
C LEU A 798 21.39 19.50 43.83
N SER A 799 20.69 19.57 44.96
CA SER A 799 20.13 20.82 45.46
C SER A 799 21.23 21.84 45.74
N THR A 800 22.40 21.33 46.08
CA THR A 800 23.53 22.17 46.45
C THR A 800 24.29 22.69 45.23
N ILE A 801 24.12 22.03 44.09
CA ILE A 801 24.92 22.34 42.92
C ILE A 801 24.12 22.61 41.64
N ALA A 802 22.81 22.39 41.69
CA ALA A 802 21.99 22.48 40.48
C ALA A 802 20.71 23.28 40.66
N THR A 803 20.16 23.73 39.53
CA THR A 803 18.88 24.44 39.50
C THR A 803 17.97 23.79 38.46
N VAL A 804 16.71 23.61 38.81
CA VAL A 804 15.74 23.04 37.88
C VAL A 804 14.88 24.12 37.25
N SER A 805 14.87 24.16 35.92
CA SER A 805 14.13 25.20 35.19
C SER A 805 12.99 24.59 34.36
N TRP A 806 11.76 24.97 34.70
CA TRP A 806 10.58 24.44 34.04
C TRP A 806 10.33 25.17 32.72
N GLU A 807 11.05 24.76 31.68
CA GLU A 807 10.91 25.36 30.36
C GLU A 807 10.16 24.46 29.39
N ASN A 808 10.20 24.81 28.10
CA ASN A 808 9.59 24.02 27.05
C ASN A 808 10.61 23.41 26.11
N GLY A 809 10.20 22.36 25.39
CA GLY A 809 11.07 21.70 24.45
C GLY A 809 10.29 20.77 23.53
N THR A 810 10.93 20.37 22.44
CA THR A 810 10.28 19.49 21.46
C THR A 810 10.33 18.03 21.90
N GLU A 811 9.34 17.27 21.46
CA GLU A 811 9.29 15.84 21.75
C GLU A 811 9.67 15.03 20.50
N GLN A 812 9.94 15.74 19.41
CA GLN A 812 10.38 15.11 18.18
C GLN A 812 11.22 16.04 17.32
N SER A 813 12.48 15.65 17.10
CA SER A 813 13.38 16.41 16.24
C SER A 813 13.49 15.76 14.87
N VAL A 814 13.04 16.48 13.85
CA VAL A 814 13.04 15.95 12.49
C VAL A 814 14.17 16.54 11.65
N ARG A 815 15.05 15.67 11.16
CA ARG A 815 16.12 16.07 10.25
C ARG A 815 15.90 15.48 8.86
N PHE A 816 15.38 16.30 7.96
CA PHE A 816 15.13 15.85 6.58
C PHE A 816 16.28 16.29 5.67
N ASN A 817 16.92 15.30 5.05
CA ASN A 817 18.05 15.52 4.13
C ASN A 817 19.24 16.23 4.76
N GLY A 818 19.56 15.88 6.01
CA GLY A 818 20.70 16.45 6.70
C GLY A 818 20.38 17.75 7.40
N TYR A 819 19.22 18.32 7.11
CA TYR A 819 18.81 19.58 7.71
C TYR A 819 17.59 19.39 8.61
N PRO A 820 17.61 20.02 9.80
CA PRO A 820 16.46 19.96 10.71
C PRO A 820 15.23 20.63 10.10
N SER A 821 14.18 19.85 9.87
CA SER A 821 12.99 20.35 9.19
C SER A 821 11.72 20.19 10.02
N MET A 822 10.59 20.54 9.42
CA MET A 822 9.29 20.41 10.08
C MET A 822 8.23 20.10 9.04
N LYS A 823 7.30 19.22 9.39
CA LYS A 823 6.25 18.81 8.47
C LYS A 823 4.98 19.66 8.66
N LEU A 824 4.56 20.33 7.60
CA LEU A 824 3.31 21.09 7.65
C LEU A 824 2.40 20.73 6.47
N SER A 825 1.11 20.91 6.65
CA SER A 825 0.12 20.47 5.67
C SER A 825 -0.75 21.59 5.12
N ALA A 826 -1.14 21.43 3.85
CA ALA A 826 -2.06 22.34 3.17
C ALA A 826 -2.38 21.71 1.82
N SER A 827 -3.63 21.78 1.38
CA SER A 827 -4.04 21.03 0.19
C SER A 827 -4.98 21.76 -0.76
N PRO A 828 -4.78 21.54 -2.07
CA PRO A 828 -5.70 21.88 -3.15
C PRO A 828 -6.32 20.62 -3.73
N ALA A 829 -7.47 20.22 -3.21
CA ALA A 829 -8.07 18.94 -3.62
C ALA A 829 -9.53 19.04 -4.04
N THR A 830 -9.88 18.28 -5.09
CA THR A 830 -11.23 18.19 -5.62
C THR A 830 -11.92 19.54 -5.85
N GLY A 831 -11.19 20.47 -6.44
CA GLY A 831 -11.74 21.79 -6.72
C GLY A 831 -10.68 22.73 -7.29
N VAL A 832 -9.42 22.41 -7.04
CA VAL A 832 -8.31 23.23 -7.50
C VAL A 832 -7.08 22.37 -7.78
N SER A 833 -6.39 22.68 -8.88
CA SER A 833 -5.18 21.95 -9.25
C SER A 833 -4.05 22.26 -8.27
N THR A 834 -3.15 21.29 -8.08
CA THR A 834 -2.05 21.44 -7.14
C THR A 834 -0.92 22.28 -7.71
N GLY A 835 -1.01 22.58 -9.01
CA GLY A 835 0.02 23.32 -9.71
C GLY A 835 0.33 24.69 -9.12
N GLN A 836 -0.72 25.48 -8.89
CA GLN A 836 -0.54 26.84 -8.39
C GLN A 836 -0.07 26.88 -6.94
N ALA A 837 -0.56 25.94 -6.13
CA ALA A 837 -0.21 25.87 -4.72
C ALA A 837 1.25 25.44 -4.55
N MET A 838 1.66 24.41 -5.27
CA MET A 838 3.04 23.94 -5.24
C MET A 838 3.99 24.97 -5.84
N GLU A 839 3.42 25.90 -6.61
CA GLU A 839 4.20 26.93 -7.26
C GLU A 839 4.46 28.09 -6.30
N ALA A 840 3.40 28.54 -5.64
CA ALA A 840 3.48 29.71 -4.76
C ALA A 840 4.25 29.43 -3.48
N VAL A 841 4.33 28.15 -3.10
CA VAL A 841 4.94 27.77 -1.83
C VAL A 841 6.45 27.96 -1.81
N GLN A 842 7.09 27.80 -2.97
CA GLN A 842 8.52 28.06 -3.08
C GLN A 842 8.77 29.55 -2.88
N LYS A 843 7.86 30.37 -3.39
CA LYS A 843 7.96 31.81 -3.23
C LYS A 843 7.67 32.17 -1.77
N MET A 844 6.81 31.38 -1.14
CA MET A 844 6.47 31.55 0.27
C MET A 844 7.68 31.35 1.16
N VAL A 845 8.39 30.25 0.94
CA VAL A 845 9.59 29.93 1.70
C VAL A 845 10.67 30.99 1.44
N ASP A 846 10.68 31.53 0.23
CA ASP A 846 11.60 32.59 -0.14
C ASP A 846 11.35 33.85 0.69
N GLU A 847 10.09 34.11 1.01
CA GLU A 847 9.70 35.32 1.72
C GLU A 847 10.37 35.47 3.09
N LEU A 848 10.37 34.40 3.89
CA LEU A 848 11.02 34.45 5.20
C LEU A 848 12.48 33.99 5.14
N GLY A 849 13.34 34.72 5.83
CA GLY A 849 14.75 34.40 5.88
C GLY A 849 15.48 34.54 4.56
N GLY A 850 15.06 33.78 3.56
CA GLY A 850 15.73 33.74 2.28
C GLY A 850 16.77 32.64 2.28
N GLY A 851 17.29 32.33 3.46
CA GLY A 851 18.23 31.25 3.64
C GLY A 851 17.54 30.01 4.16
N TYR A 852 16.22 30.01 4.12
CA TYR A 852 15.43 28.84 4.48
C TYR A 852 14.96 28.13 3.22
N SER A 853 14.79 26.81 3.31
CA SER A 853 14.33 26.04 2.18
C SER A 853 13.24 25.06 2.60
N PHE A 854 12.59 24.45 1.61
CA PHE A 854 11.59 23.43 1.87
C PHE A 854 11.79 22.30 0.87
N GLU A 855 11.02 21.24 1.04
CA GLU A 855 11.06 20.11 0.13
C GLU A 855 9.79 19.30 0.27
N TRP A 856 9.62 18.29 -0.57
CA TRP A 856 8.38 17.51 -0.56
C TRP A 856 8.60 16.03 -0.24
N GLY A 857 7.71 15.51 0.60
CA GLY A 857 7.59 14.08 0.82
C GLY A 857 6.18 13.69 0.41
N GLY A 858 5.54 12.84 1.19
CA GLY A 858 4.14 12.56 0.99
C GLY A 858 3.73 11.10 0.92
N GLN A 859 2.53 10.87 0.39
CA GLN A 859 1.92 9.54 0.41
C GLN A 859 1.34 9.15 -0.94
N SER A 860 0.13 8.61 -0.92
CA SER A 860 -0.56 8.16 -2.13
C SER A 860 -0.99 9.34 -3.00
N SER A 861 -1.16 10.50 -2.38
CA SER A 861 -1.60 11.69 -3.09
C SER A 861 -0.49 12.26 -3.97
N GLU A 862 0.74 11.82 -3.72
CA GLU A 862 1.89 12.24 -4.51
C GLU A 862 1.98 11.41 -5.79
N GLU A 863 1.52 10.16 -5.70
CA GLU A 863 1.44 9.29 -6.87
C GLU A 863 0.14 9.54 -7.63
N ALA A 864 -0.78 10.23 -6.97
CA ALA A 864 -2.02 10.66 -7.61
C ALA A 864 -1.72 11.77 -8.61
N LYS A 865 -0.59 12.44 -8.40
CA LYS A 865 -0.16 13.53 -9.25
C LYS A 865 0.12 13.05 -10.67
N GLY A 866 0.55 11.78 -10.79
CA GLY A 866 0.84 11.19 -12.08
C GLY A 866 -0.39 11.11 -12.97
N GLY A 867 -0.88 12.27 -13.39
CA GLY A 867 -2.05 12.36 -14.24
C GLY A 867 -1.85 13.37 -15.35
N SER A 868 -0.78 14.17 -15.21
CA SER A 868 -0.42 15.15 -16.23
C SER A 868 0.66 14.59 -17.15
N GLN A 869 0.75 13.26 -17.20
CA GLN A 869 1.64 12.56 -18.12
C GLN A 869 0.79 11.94 -19.22
N THR A 870 -0.38 12.52 -19.42
CA THR A 870 -1.41 11.92 -20.27
C THR A 870 -1.25 12.19 -21.77
N LEU A 871 -0.77 13.38 -22.14
CA LEU A 871 -0.66 13.71 -23.56
C LEU A 871 0.43 12.90 -24.26
N ILE A 872 1.30 12.28 -23.47
CA ILE A 872 2.30 11.37 -24.01
C ILE A 872 1.68 9.97 -24.18
N LEU A 873 0.73 9.64 -23.32
CA LEU A 873 0.00 8.38 -23.41
C LEU A 873 -0.77 8.34 -24.73
N TYR A 874 -1.65 9.32 -24.91
CA TYR A 874 -2.47 9.40 -26.11
C TYR A 874 -1.64 9.80 -27.32
N GLY A 875 -0.49 10.42 -27.06
CA GLY A 875 0.45 10.74 -28.12
C GLY A 875 0.98 9.45 -28.73
N LEU A 876 1.42 8.54 -27.86
CA LEU A 876 1.90 7.23 -28.29
C LEU A 876 0.75 6.37 -28.79
N ALA A 877 -0.44 6.58 -28.22
CA ALA A 877 -1.62 5.80 -28.57
C ALA A 877 -2.07 6.03 -30.00
N VAL A 878 -2.40 7.28 -30.33
CA VAL A 878 -2.90 7.60 -31.66
C VAL A 878 -1.82 7.48 -32.73
N ALA A 879 -0.56 7.50 -32.29
CA ALA A 879 0.56 7.33 -33.22
C ALA A 879 0.73 5.86 -33.58
N ALA A 880 0.53 4.99 -32.59
CA ALA A 880 0.64 3.55 -32.80
C ALA A 880 -0.53 3.04 -33.63
N VAL A 881 -1.72 3.56 -33.37
CA VAL A 881 -2.91 3.18 -34.12
C VAL A 881 -2.86 3.71 -35.55
N PHE A 882 -2.44 4.96 -35.71
CA PHE A 882 -2.34 5.56 -37.05
C PHE A 882 -1.34 4.80 -37.90
N LEU A 883 -0.23 4.40 -37.28
CA LEU A 883 0.83 3.69 -37.99
C LEU A 883 0.42 2.29 -38.41
N VAL A 884 -0.08 1.50 -37.46
CA VAL A 884 -0.55 0.15 -37.75
C VAL A 884 -1.67 0.17 -38.79
N LEU A 885 -2.51 1.19 -38.73
CA LEU A 885 -3.57 1.37 -39.72
C LEU A 885 -2.99 1.67 -41.09
N ALA A 886 -2.00 2.55 -41.12
CA ALA A 886 -1.31 2.90 -42.36
C ALA A 886 -0.44 1.75 -42.85
N ALA A 887 -0.22 0.77 -41.97
CA ALA A 887 0.59 -0.40 -42.29
C ALA A 887 -0.26 -1.49 -42.93
N LEU A 888 -1.39 -1.81 -42.31
CA LEU A 888 -2.28 -2.83 -42.84
C LEU A 888 -3.04 -2.34 -44.07
N TYR A 889 -3.70 -1.20 -43.94
CA TYR A 889 -4.58 -0.70 -44.98
C TYR A 889 -3.82 -0.08 -46.15
N GLU A 890 -2.55 0.18 -45.92
CA GLU A 890 -1.64 0.65 -46.97
C GLU A 890 -1.99 2.01 -47.58
N SER A 891 -2.58 2.89 -46.77
CA SER A 891 -2.79 4.28 -47.18
C SER A 891 -2.83 5.17 -45.94
N TRP A 892 -3.19 6.43 -46.14
CA TRP A 892 -3.20 7.39 -45.03
C TRP A 892 -4.58 8.03 -44.80
N SER A 893 -5.53 7.72 -45.67
CA SER A 893 -6.88 8.25 -45.54
C SER A 893 -7.67 7.48 -44.50
N ILE A 894 -7.59 6.16 -44.55
CA ILE A 894 -8.30 5.28 -43.63
C ILE A 894 -7.92 5.45 -42.14
N PRO A 895 -6.62 5.61 -41.84
CA PRO A 895 -6.29 5.88 -40.43
C PRO A 895 -6.91 7.18 -39.95
N LEU A 896 -7.00 8.17 -40.82
CA LEU A 896 -7.61 9.45 -40.48
C LEU A 896 -9.13 9.29 -40.36
N ALA A 897 -9.67 8.27 -41.00
CA ALA A 897 -11.10 8.00 -40.93
C ALA A 897 -11.45 7.24 -39.65
N VAL A 898 -10.42 6.73 -38.98
CA VAL A 898 -10.62 5.98 -37.74
C VAL A 898 -10.29 6.79 -36.49
N ILE A 899 -9.13 7.46 -36.49
CA ILE A 899 -8.75 8.29 -35.34
C ILE A 899 -9.72 9.46 -35.17
N LEU A 900 -10.59 9.64 -36.16
CA LEU A 900 -11.68 10.60 -36.09
C LEU A 900 -12.79 10.08 -35.18
N VAL A 901 -12.78 8.78 -34.89
CA VAL A 901 -13.85 8.17 -34.11
C VAL A 901 -13.54 8.11 -32.61
N ILE A 902 -12.29 8.38 -32.25
CA ILE A 902 -11.89 8.32 -30.85
C ILE A 902 -12.56 9.32 -29.88
N PRO A 903 -12.98 10.51 -30.37
CA PRO A 903 -13.67 11.34 -29.39
C PRO A 903 -15.11 10.91 -29.13
N LEU A 904 -15.67 10.09 -30.01
CA LEU A 904 -17.05 9.64 -29.89
C LEU A 904 -17.23 8.73 -28.68
N GLY A 905 -16.18 8.02 -28.31
CA GLY A 905 -16.21 7.17 -27.14
C GLY A 905 -15.84 7.95 -25.90
N LEU A 906 -15.15 9.07 -26.10
CA LEU A 906 -14.73 9.93 -25.00
C LEU A 906 -15.92 10.66 -24.39
N ILE A 907 -16.80 11.16 -25.25
CA ILE A 907 -17.99 11.86 -24.81
C ILE A 907 -18.93 10.90 -24.08
N GLY A 908 -18.87 9.62 -24.44
CA GLY A 908 -19.70 8.61 -23.82
C GLY A 908 -19.21 8.25 -22.42
N ALA A 909 -17.89 8.14 -22.28
CA ALA A 909 -17.29 7.82 -21.00
C ALA A 909 -17.41 9.00 -20.04
N ALA A 910 -17.19 10.20 -20.56
CA ALA A 910 -17.25 11.41 -19.75
C ALA A 910 -18.68 11.70 -19.28
N ALA A 911 -19.64 11.48 -20.17
CA ALA A 911 -21.05 11.69 -19.82
C ALA A 911 -21.56 10.59 -18.91
N GLY A 912 -20.89 9.43 -18.95
CA GLY A 912 -21.23 8.34 -18.07
C GLY A 912 -20.78 8.60 -16.65
N VAL A 913 -19.57 9.14 -16.51
CA VAL A 913 -19.05 9.51 -15.21
C VAL A 913 -19.82 10.69 -14.64
N THR A 914 -20.02 11.70 -15.49
CA THR A 914 -20.78 12.88 -15.10
C THR A 914 -22.23 12.50 -14.84
N GLY A 915 -22.75 11.58 -15.65
CA GLY A 915 -24.13 11.15 -15.53
C GLY A 915 -24.42 10.35 -14.27
N ARG A 916 -23.40 9.65 -13.77
CA ARG A 916 -23.55 8.89 -12.53
C ARG A 916 -23.27 9.78 -11.34
N ASN A 917 -22.39 10.78 -11.53
CA ASN A 917 -22.18 11.80 -10.50
C ASN A 917 -23.43 12.64 -10.33
N LEU A 918 -24.27 12.64 -11.36
CA LEU A 918 -25.58 13.29 -11.32
C LEU A 918 -26.54 12.41 -10.53
N PHE A 919 -26.59 11.13 -10.88
CA PHE A 919 -27.53 10.18 -10.30
C PHE A 919 -27.31 10.00 -8.80
N GLU A 920 -26.09 9.64 -8.41
CA GLU A 920 -25.80 9.32 -7.02
C GLU A 920 -26.01 10.49 -6.06
N GLY A 921 -25.93 11.70 -6.60
CA GLY A 921 -26.02 12.90 -5.77
C GLY A 921 -27.43 13.32 -5.39
N LEU A 922 -28.44 12.72 -6.02
CA LEU A 922 -29.82 13.13 -5.79
C LEU A 922 -30.47 12.42 -4.60
N LEU A 923 -30.16 11.15 -4.41
CA LEU A 923 -30.81 10.36 -3.36
C LEU A 923 -30.10 10.46 -2.00
N GLY A 924 -29.22 9.50 -1.71
CA GLY A 924 -28.61 9.43 -0.40
C GLY A 924 -27.12 9.15 -0.35
N SER A 925 -26.47 9.13 -1.51
CA SER A 925 -25.04 8.86 -1.55
C SER A 925 -24.24 10.07 -2.03
N VAL A 926 -22.95 10.08 -1.70
CA VAL A 926 -22.05 11.12 -2.19
C VAL A 926 -21.34 10.62 -3.44
N PRO A 927 -21.71 11.18 -4.60
CA PRO A 927 -21.16 10.76 -5.89
C PRO A 927 -19.64 10.90 -5.94
N SER A 928 -18.94 9.76 -6.01
CA SER A 928 -17.49 9.76 -5.90
C SER A 928 -16.80 9.09 -7.09
N PHE A 929 -17.20 9.47 -8.30
CA PHE A 929 -16.51 9.02 -9.51
C PHE A 929 -15.71 10.17 -10.11
N ALA A 930 -14.55 9.85 -10.66
CA ALA A 930 -13.64 10.88 -11.14
C ALA A 930 -12.65 10.33 -12.16
N ASN A 931 -11.72 11.19 -12.58
CA ASN A 931 -10.68 10.79 -13.52
C ASN A 931 -9.54 10.06 -12.82
N ASP A 932 -9.87 8.89 -12.26
CA ASP A 932 -8.86 8.07 -11.60
C ASP A 932 -8.25 7.09 -12.60
N ILE A 933 -7.41 6.18 -12.10
CA ILE A 933 -6.71 5.25 -12.97
C ILE A 933 -7.66 4.24 -13.61
N TYR A 934 -8.77 3.94 -12.94
CA TYR A 934 -9.74 2.98 -13.46
C TYR A 934 -10.54 3.59 -14.60
N PHE A 935 -10.78 4.90 -14.52
CA PHE A 935 -11.41 5.62 -15.62
C PHE A 935 -10.45 5.62 -16.81
N GLN A 936 -9.17 5.79 -16.53
CA GLN A 936 -8.16 5.86 -17.58
C GLN A 936 -7.96 4.53 -18.30
N VAL A 937 -7.75 3.46 -17.53
CA VAL A 937 -7.56 2.15 -18.14
C VAL A 937 -8.83 1.67 -18.84
N GLY A 938 -9.98 2.02 -18.28
CA GLY A 938 -11.26 1.66 -18.87
C GLY A 938 -11.50 2.42 -20.15
N PHE A 939 -11.04 3.67 -20.20
CA PHE A 939 -11.19 4.50 -21.38
C PHE A 939 -10.28 4.04 -22.51
N VAL A 940 -9.08 3.57 -22.14
CA VAL A 940 -8.14 3.03 -23.12
C VAL A 940 -8.75 1.84 -23.84
N THR A 941 -9.45 1.00 -23.07
CA THR A 941 -10.16 -0.14 -23.64
C THR A 941 -11.21 0.33 -24.64
N VAL A 942 -12.06 1.26 -24.20
CA VAL A 942 -13.13 1.80 -25.02
C VAL A 942 -12.60 2.42 -26.30
N MET A 943 -11.49 3.14 -26.20
CA MET A 943 -10.89 3.77 -27.36
C MET A 943 -10.38 2.71 -28.34
N GLY A 944 -10.07 1.53 -27.81
CA GLY A 944 -9.62 0.43 -28.64
C GLY A 944 -10.77 -0.22 -29.38
N LEU A 945 -11.84 -0.52 -28.65
CA LEU A 945 -13.03 -1.14 -29.23
C LEU A 945 -13.69 -0.25 -30.29
N SER A 946 -13.70 1.05 -30.04
CA SER A 946 -14.27 2.00 -30.99
C SER A 946 -13.43 2.04 -32.26
N ALA A 947 -12.11 1.93 -32.09
CA ALA A 947 -11.20 1.87 -33.22
C ALA A 947 -11.46 0.59 -34.01
N LYS A 948 -11.70 -0.50 -33.29
CA LYS A 948 -12.04 -1.78 -33.90
C LYS A 948 -13.26 -1.66 -34.79
N ASN A 949 -14.33 -1.09 -34.24
CA ASN A 949 -15.57 -0.90 -34.99
C ASN A 949 -15.34 -0.06 -36.24
N ALA A 950 -14.73 1.11 -36.07
CA ALA A 950 -14.42 1.97 -37.19
C ALA A 950 -13.54 1.25 -38.20
N ILE A 951 -12.59 0.46 -37.70
CA ILE A 951 -11.72 -0.33 -38.57
C ILE A 951 -12.53 -1.32 -39.40
N LEU A 952 -13.59 -1.85 -38.80
CA LEU A 952 -14.36 -2.91 -39.43
C LEU A 952 -15.14 -2.43 -40.66
N ILE A 953 -15.95 -1.39 -40.49
CA ILE A 953 -16.80 -0.89 -41.56
C ILE A 953 -16.00 -0.17 -42.65
N ILE A 954 -14.98 0.57 -42.25
CA ILE A 954 -14.20 1.38 -43.19
C ILE A 954 -13.23 0.51 -44.01
N GLU A 955 -12.92 -0.69 -43.49
CA GLU A 955 -12.09 -1.64 -44.23
C GLU A 955 -12.91 -2.29 -45.34
N PHE A 956 -14.19 -2.53 -45.07
CA PHE A 956 -15.07 -3.13 -46.07
C PHE A 956 -15.43 -2.12 -47.14
N ALA A 957 -15.67 -0.88 -46.72
CA ALA A 957 -15.96 0.20 -47.65
C ALA A 957 -14.73 0.54 -48.47
N LYS A 958 -13.55 0.21 -47.92
CA LYS A 958 -12.31 0.35 -48.64
C LYS A 958 -12.26 -0.64 -49.80
N ASP A 959 -12.75 -1.85 -49.55
CA ASP A 959 -12.86 -2.87 -50.60
C ASP A 959 -13.87 -2.46 -51.65
N LEU A 960 -14.93 -1.79 -51.22
CA LEU A 960 -16.04 -1.45 -52.10
C LEU A 960 -15.77 -0.23 -52.99
N GLN A 961 -14.88 0.65 -52.54
CA GLN A 961 -14.52 1.81 -53.34
C GLN A 961 -13.66 1.38 -54.51
N ALA A 962 -13.02 0.23 -54.37
CA ALA A 962 -12.20 -0.34 -55.43
C ALA A 962 -13.04 -0.73 -56.64
N GLN A 963 -14.25 -1.20 -56.37
CA GLN A 963 -15.15 -1.66 -57.43
C GLN A 963 -15.99 -0.53 -58.02
N GLY A 964 -15.46 0.68 -57.97
CA GLY A 964 -16.13 1.83 -58.57
C GLY A 964 -17.41 2.24 -57.89
N LYS A 965 -17.70 1.62 -56.75
CA LYS A 965 -18.90 1.96 -55.98
C LYS A 965 -18.65 3.30 -55.26
N SER A 966 -19.57 4.23 -55.45
CA SER A 966 -19.40 5.60 -54.95
C SER A 966 -19.21 5.65 -53.44
N ALA A 967 -18.68 6.77 -52.95
CA ALA A 967 -18.35 6.93 -51.53
C ALA A 967 -19.55 6.69 -50.63
N VAL A 968 -20.66 7.36 -50.92
CA VAL A 968 -21.89 7.18 -50.15
C VAL A 968 -22.42 5.76 -50.32
N GLU A 969 -22.29 5.22 -51.53
CA GLU A 969 -22.68 3.84 -51.82
C GLU A 969 -21.84 2.88 -51.00
N ALA A 970 -20.53 2.89 -51.22
CA ALA A 970 -19.60 2.00 -50.54
C ALA A 970 -19.73 2.07 -49.02
N ALA A 971 -19.97 3.27 -48.50
CA ALA A 971 -20.14 3.46 -47.06
C ALA A 971 -21.42 2.80 -46.56
N LEU A 972 -22.50 2.95 -47.32
CA LEU A 972 -23.80 2.41 -46.92
C LEU A 972 -23.83 0.89 -46.95
N GLU A 973 -23.34 0.32 -48.05
CA GLU A 973 -23.30 -1.14 -48.18
C GLU A 973 -22.38 -1.76 -47.14
N ALA A 974 -21.34 -1.04 -46.75
CA ALA A 974 -20.45 -1.50 -45.71
C ALA A 974 -21.19 -1.48 -44.37
N ALA A 975 -21.75 -0.34 -44.02
CA ALA A 975 -22.52 -0.18 -42.78
C ALA A 975 -23.64 -1.21 -42.70
N ARG A 976 -24.22 -1.53 -43.86
CA ARG A 976 -25.30 -2.48 -43.94
C ARG A 976 -24.82 -3.90 -43.66
N LEU A 977 -23.59 -4.21 -44.09
CA LEU A 977 -23.05 -5.56 -43.95
C LEU A 977 -22.35 -5.80 -42.62
N ARG A 978 -21.94 -4.73 -41.94
CA ARG A 978 -21.21 -4.87 -40.68
C ARG A 978 -22.05 -4.48 -39.48
N PHE A 979 -23.30 -4.11 -39.70
CA PHE A 979 -24.17 -3.66 -38.62
C PHE A 979 -24.41 -4.74 -37.56
N ARG A 980 -24.87 -5.91 -38.00
CA ARG A 980 -25.14 -7.02 -37.08
C ARG A 980 -23.95 -7.48 -36.24
N PRO A 981 -22.79 -7.75 -36.87
CA PRO A 981 -21.66 -8.17 -36.03
C PRO A 981 -21.22 -7.09 -35.04
N ILE A 982 -21.17 -5.85 -35.48
CA ILE A 982 -20.83 -4.73 -34.60
C ILE A 982 -21.74 -4.70 -33.37
N ILE A 983 -23.04 -4.86 -33.60
CA ILE A 983 -24.00 -4.95 -32.52
C ILE A 983 -23.76 -6.23 -31.70
N MET A 984 -23.47 -7.32 -32.40
CA MET A 984 -23.29 -8.61 -31.76
C MET A 984 -22.09 -8.63 -30.80
N THR A 985 -21.01 -7.98 -31.21
CA THR A 985 -19.80 -7.92 -30.39
C THR A 985 -19.94 -6.91 -29.26
N SER A 986 -20.24 -5.67 -29.63
CA SER A 986 -20.34 -4.56 -28.68
C SER A 986 -21.34 -4.82 -27.57
N PHE A 987 -22.57 -5.19 -27.95
CA PHE A 987 -23.62 -5.43 -26.97
C PHE A 987 -23.39 -6.68 -26.13
N ALA A 988 -22.49 -7.55 -26.59
CA ALA A 988 -22.07 -8.68 -25.78
C ALA A 988 -21.09 -8.20 -24.73
N PHE A 989 -20.32 -7.18 -25.10
CA PHE A 989 -19.34 -6.58 -24.20
C PHE A 989 -20.00 -5.58 -23.25
N ILE A 990 -20.86 -4.73 -23.81
CA ILE A 990 -21.61 -3.75 -23.02
C ILE A 990 -22.42 -4.43 -21.93
N LEU A 991 -23.09 -5.51 -22.28
CA LEU A 991 -23.80 -6.32 -21.32
C LEU A 991 -22.82 -6.98 -20.35
N GLY A 992 -21.65 -7.36 -20.88
CA GLY A 992 -20.66 -8.07 -20.10
C GLY A 992 -20.06 -7.29 -18.96
N VAL A 993 -20.11 -5.97 -19.05
CA VAL A 993 -19.54 -5.11 -18.02
C VAL A 993 -20.61 -4.59 -17.07
N VAL A 994 -21.85 -5.00 -17.30
CA VAL A 994 -22.95 -4.68 -16.39
C VAL A 994 -22.74 -5.26 -14.97
N PRO A 995 -22.25 -6.51 -14.86
CA PRO A 995 -21.90 -6.98 -13.52
C PRO A 995 -20.87 -6.08 -12.83
N LEU A 996 -19.96 -5.50 -13.61
CA LEU A 996 -19.00 -4.53 -13.08
C LEU A 996 -19.71 -3.22 -12.76
N TYR A 997 -20.72 -2.90 -13.57
CA TYR A 997 -21.47 -1.67 -13.42
C TYR A 997 -22.30 -1.66 -12.14
N ILE A 998 -22.81 -2.83 -11.77
CA ILE A 998 -23.66 -2.95 -10.59
C ILE A 998 -22.90 -3.57 -9.41
N ALA A 999 -21.61 -3.79 -9.59
CA ALA A 999 -20.78 -4.47 -8.60
C ALA A 999 -20.74 -3.75 -7.26
N ALA A 1000 -20.91 -4.51 -6.18
CA ALA A 1000 -20.87 -3.95 -4.83
C ALA A 1000 -19.97 -4.80 -3.93
N GLY A 1001 -19.64 -4.27 -2.76
CA GLY A 1001 -18.83 -4.99 -1.79
C GLY A 1001 -17.41 -4.48 -1.69
N ALA A 1002 -16.46 -5.41 -1.80
CA ALA A 1002 -15.04 -5.08 -1.69
C ALA A 1002 -14.47 -4.60 -3.02
N SER A 1003 -13.71 -3.51 -2.98
CA SER A 1003 -13.16 -2.87 -4.17
C SER A 1003 -14.26 -2.52 -5.18
N SER A 1004 -15.44 -2.22 -4.66
CA SER A 1004 -16.59 -1.91 -5.50
C SER A 1004 -16.45 -0.54 -6.15
N ALA A 1005 -15.78 0.37 -5.44
CA ALA A 1005 -15.55 1.72 -5.95
C ALA A 1005 -14.74 1.64 -7.24
N SER A 1006 -13.79 0.71 -7.29
CA SER A 1006 -12.96 0.51 -8.47
C SER A 1006 -13.73 -0.23 -9.56
N GLN A 1007 -14.43 -1.28 -9.15
CA GLN A 1007 -15.15 -2.14 -10.08
C GLN A 1007 -16.29 -1.39 -10.76
N ARG A 1008 -16.89 -0.44 -10.04
CA ARG A 1008 -17.95 0.38 -10.61
C ARG A 1008 -17.40 1.57 -11.39
N ALA A 1009 -16.23 2.06 -10.98
CA ALA A 1009 -15.57 3.16 -11.68
C ALA A 1009 -15.24 2.73 -13.10
N ILE A 1010 -14.60 1.57 -13.23
CA ILE A 1010 -14.28 1.02 -14.54
C ILE A 1010 -15.54 0.41 -15.14
N GLY A 1011 -16.57 0.22 -14.30
CA GLY A 1011 -17.85 -0.27 -14.77
C GLY A 1011 -18.59 0.80 -15.53
N THR A 1012 -18.68 2.00 -14.93
CA THR A 1012 -19.40 3.11 -15.54
C THR A 1012 -18.73 3.63 -16.82
N THR A 1013 -17.44 3.94 -16.71
CA THR A 1013 -16.72 4.56 -17.82
C THR A 1013 -16.65 3.65 -19.04
N VAL A 1014 -16.66 2.34 -18.82
CA VAL A 1014 -16.63 1.38 -19.91
C VAL A 1014 -18.03 1.18 -20.49
N PHE A 1015 -19.01 1.01 -19.61
CA PHE A 1015 -20.39 0.78 -20.03
C PHE A 1015 -20.94 1.91 -20.90
N TRP A 1016 -21.04 3.11 -20.32
CA TRP A 1016 -21.57 4.26 -21.04
C TRP A 1016 -20.63 4.71 -22.16
N GLY A 1017 -19.34 4.51 -21.96
CA GLY A 1017 -18.35 4.87 -22.97
C GLY A 1017 -18.46 3.99 -24.19
N MET A 1018 -18.90 2.75 -24.00
CA MET A 1018 -19.03 1.82 -25.11
C MET A 1018 -20.42 1.87 -25.74
N LEU A 1019 -21.43 2.19 -24.95
CA LEU A 1019 -22.80 2.30 -25.46
C LEU A 1019 -22.94 3.50 -26.37
N VAL A 1020 -22.70 4.69 -25.80
CA VAL A 1020 -22.72 5.93 -26.57
C VAL A 1020 -21.65 5.88 -27.66
N GLY A 1021 -20.53 5.23 -27.35
CA GLY A 1021 -19.46 5.05 -28.31
C GLY A 1021 -19.93 4.29 -29.53
N THR A 1022 -20.50 3.11 -29.32
CA THR A 1022 -21.02 2.29 -30.40
C THR A 1022 -22.11 3.01 -31.18
N LEU A 1023 -23.05 3.61 -30.46
CA LEU A 1023 -24.18 4.30 -31.08
C LEU A 1023 -23.75 5.44 -32.01
N LEU A 1024 -22.95 6.37 -31.49
CA LEU A 1024 -22.47 7.49 -32.29
C LEU A 1024 -21.57 7.04 -33.43
N SER A 1025 -20.76 6.01 -33.16
CA SER A 1025 -19.86 5.47 -34.18
C SER A 1025 -20.63 4.83 -35.32
N VAL A 1026 -21.59 3.97 -34.97
CA VAL A 1026 -22.33 3.20 -35.97
C VAL A 1026 -23.08 4.07 -36.98
N PHE A 1027 -23.31 5.33 -36.61
CA PHE A 1027 -24.00 6.28 -37.49
C PHE A 1027 -23.03 7.24 -38.18
N LEU A 1028 -21.96 7.63 -37.48
CA LEU A 1028 -21.03 8.64 -37.98
C LEU A 1028 -19.82 8.07 -38.73
N VAL A 1029 -19.58 6.77 -38.57
CA VAL A 1029 -18.47 6.12 -39.27
C VAL A 1029 -18.68 5.96 -40.80
N PRO A 1030 -19.88 5.54 -41.23
CA PRO A 1030 -20.12 5.54 -42.68
C PRO A 1030 -20.00 6.96 -43.25
N LEU A 1031 -20.33 7.95 -42.42
CA LEU A 1031 -20.13 9.34 -42.79
C LEU A 1031 -18.64 9.64 -42.88
N PHE A 1032 -17.87 9.06 -41.97
CA PHE A 1032 -16.43 9.29 -41.91
C PHE A 1032 -15.71 8.86 -43.19
N TYR A 1033 -16.17 7.77 -43.80
CA TYR A 1033 -15.59 7.33 -45.07
C TYR A 1033 -15.89 8.36 -46.15
N VAL A 1034 -17.15 8.77 -46.20
CA VAL A 1034 -17.60 9.71 -47.21
C VAL A 1034 -16.91 11.07 -47.09
N VAL A 1035 -16.76 11.55 -45.85
CA VAL A 1035 -16.05 12.81 -45.61
C VAL A 1035 -14.58 12.70 -45.99
N VAL A 1036 -13.91 11.64 -45.55
CA VAL A 1036 -12.49 11.46 -45.81
C VAL A 1036 -12.17 11.19 -47.28
N ARG A 1037 -12.85 10.21 -47.87
CA ARG A 1037 -12.53 9.77 -49.23
C ARG A 1037 -12.89 10.81 -50.29
N LYS A 1038 -13.95 11.58 -50.06
CA LYS A 1038 -14.33 12.65 -50.97
C LYS A 1038 -13.41 13.85 -50.83
N PHE A 1039 -12.54 13.81 -49.83
CA PHE A 1039 -11.53 14.85 -49.66
C PHE A 1039 -10.16 14.30 -50.04
N PHE A 1040 -10.00 12.98 -49.91
CA PHE A 1040 -8.77 12.32 -50.29
C PHE A 1040 -9.02 11.33 -51.43
#